data_2HTB
#
_entry.id   2HTB
#
_cell.length_a   219.553
_cell.length_b   47.599
_cell.length_c   138.086
_cell.angle_alpha   90.00
_cell.angle_beta   91.82
_cell.angle_gamma   90.00
#
_symmetry.space_group_name_H-M   'C 1 2 1'
#
loop_
_entity.id
_entity.type
_entity.pdbx_description
1 polymer 'Putative enzyme related to aldose 1-epimerase'
2 water water
#
_entity_poly.entity_id   1
_entity_poly.type   'polypeptide(L)'
_entity_poly.pdbx_seq_one_letter_code
;MRGSHHHHHHGMASHMINKIFALPVIEQLTPVLSRRQLDDLDLIVVDHPQVKASFALQGAHLLSWKPVGEEEVLWLSNNT
PFKTGVALRGGVPICWPWFGPAAQQGLPSHGFARNLPWALKAHNEDDNGVMLTFELQSSEATRKYWPHDFTLLARFKVGK
TCEIELEAHGEFATTSALHSYFNVGDIANVKVSGLGDRFIDKVNDAKEGVLTDGIQTFPDRTDRVYLNPEACSVIHDATL
NRTIDVVHHHHLNVVGWNPGPALSVSMGDMPDDGYKTFVCVETVYATAPQQATEEKPSRLAQTICVAKR
;
_entity_poly.pdbx_strand_id   A,B,C,D
#
# COMPACT_ATOMS: atom_id res chain seq x y z
N SER A 14 -29.87 13.02 -2.78
CA SER A 14 -29.25 13.26 -4.16
C SER A 14 -28.92 14.77 -4.56
N HIS A 15 -28.55 15.61 -3.58
CA HIS A 15 -28.03 16.94 -3.89
C HIS A 15 -26.67 16.67 -4.50
N MET A 16 -25.95 15.72 -3.90
CA MET A 16 -24.60 15.40 -4.33
C MET A 16 -24.59 14.88 -5.77
N ILE A 17 -25.56 14.04 -6.13
CA ILE A 17 -25.56 13.58 -7.51
C ILE A 17 -25.77 14.82 -8.39
N ASN A 18 -26.74 15.67 -8.04
CA ASN A 18 -26.97 16.86 -8.84
C ASN A 18 -25.74 17.74 -8.99
N LYS A 19 -25.03 17.91 -7.91
CA LYS A 19 -23.83 18.71 -7.95
C LYS A 19 -22.89 18.17 -9.07
N ILE A 20 -22.80 16.84 -9.16
CA ILE A 20 -22.05 16.20 -10.22
C ILE A 20 -22.47 16.58 -11.65
N PHE A 21 -23.73 16.37 -12.02
CA PHE A 21 -24.24 16.71 -13.41
C PHE A 21 -24.18 18.19 -13.75
N ALA A 22 -23.99 19.02 -12.72
CA ALA A 22 -23.83 20.45 -12.91
C ALA A 22 -22.40 20.83 -13.16
N LEU A 23 -21.43 19.88 -13.10
CA LEU A 23 -20.03 20.30 -13.24
C LEU A 23 -19.67 20.65 -14.67
N PRO A 24 -18.71 21.56 -14.82
CA PRO A 24 -18.41 21.84 -16.16
C PRO A 24 -17.67 20.66 -16.77
N VAL A 25 -17.78 20.57 -18.08
CA VAL A 25 -17.09 19.55 -18.89
C VAL A 25 -15.61 19.92 -19.07
N ILE A 26 -14.70 19.03 -18.67
CA ILE A 26 -13.28 19.18 -18.97
C ILE A 26 -12.92 18.48 -20.32
N GLU A 27 -13.43 17.25 -20.57
CA GLU A 27 -13.31 16.69 -21.94
C GLU A 27 -14.59 16.09 -22.44
N GLN A 28 -15.04 16.48 -23.64
CA GLN A 28 -16.20 15.78 -24.23
C GLN A 28 -15.69 14.53 -24.97
N LEU A 29 -15.78 13.35 -24.36
CA LEU A 29 -15.22 12.20 -24.97
C LEU A 29 -16.05 11.83 -26.21
N THR A 30 -17.36 11.92 -26.09
CA THR A 30 -18.30 11.56 -27.11
C THR A 30 -19.51 12.41 -26.76
N PRO A 31 -20.55 12.43 -27.63
CA PRO A 31 -21.63 13.41 -27.36
C PRO A 31 -22.28 13.13 -26.06
N VAL A 32 -22.06 11.94 -25.56
CA VAL A 32 -22.72 11.55 -24.32
C VAL A 32 -21.81 11.33 -23.13
N LEU A 33 -20.50 11.27 -23.33
CA LEU A 33 -19.57 10.96 -22.25
C LEU A 33 -18.61 12.07 -22.09
N SER A 34 -18.44 12.43 -20.81
CA SER A 34 -17.50 13.45 -20.49
C SER A 34 -16.79 13.17 -19.21
N ARG A 35 -15.77 13.98 -19.03
CA ARG A 35 -14.95 13.95 -17.91
C ARG A 35 -14.96 15.29 -17.22
N ARG A 36 -15.20 15.24 -15.91
CA ARG A 36 -15.47 16.39 -15.06
C ARG A 36 -14.66 16.21 -13.77
N GLN A 37 -14.80 17.11 -12.82
CA GLN A 37 -13.96 17.07 -11.68
C GLN A 37 -14.62 17.74 -10.56
N LEU A 38 -14.56 17.02 -9.47
CA LEU A 38 -15.16 17.36 -8.18
C LEU A 38 -14.02 17.23 -7.21
N ASP A 39 -13.57 18.36 -6.65
CA ASP A 39 -12.39 18.44 -5.82
C ASP A 39 -11.20 17.83 -6.44
N ASP A 40 -10.79 16.71 -5.86
CA ASP A 40 -9.57 15.99 -6.23
C ASP A 40 -9.86 15.01 -7.35
N LEU A 41 -11.13 14.59 -7.57
CA LEU A 41 -11.38 13.34 -8.34
C LEU A 41 -11.87 13.57 -9.74
N ASP A 42 -11.16 13.03 -10.74
CA ASP A 42 -11.74 12.98 -12.10
C ASP A 42 -12.93 12.11 -12.14
N LEU A 43 -14.01 12.60 -12.71
CA LEU A 43 -15.19 11.73 -12.94
C LEU A 43 -15.49 11.45 -14.40
N ILE A 44 -16.17 10.33 -14.71
CA ILE A 44 -16.68 10.09 -16.05
C ILE A 44 -18.19 10.11 -15.89
N VAL A 45 -18.86 10.94 -16.68
CA VAL A 45 -20.27 11.23 -16.51
C VAL A 45 -21.06 10.87 -17.77
N VAL A 46 -22.12 10.15 -17.58
CA VAL A 46 -22.83 9.66 -18.68
C VAL A 46 -24.13 10.44 -18.69
N ASP A 47 -24.28 11.34 -19.66
CA ASP A 47 -25.55 12.08 -19.85
C ASP A 47 -26.22 11.68 -21.15
N HIS A 48 -27.12 10.71 -21.10
CA HIS A 48 -27.58 10.03 -22.30
C HIS A 48 -29.12 9.91 -22.29
N PRO A 49 -29.77 9.84 -23.48
CA PRO A 49 -31.23 9.98 -23.47
C PRO A 49 -31.93 8.95 -22.64
N GLN A 50 -31.32 7.76 -22.48
CA GLN A 50 -31.90 6.68 -21.65
C GLN A 50 -31.41 6.64 -20.23
N VAL A 51 -30.34 7.35 -19.87
CA VAL A 51 -29.67 7.14 -18.57
C VAL A 51 -28.81 8.35 -18.22
N LYS A 52 -28.80 8.68 -16.93
CA LYS A 52 -27.64 9.47 -16.37
C LYS A 52 -26.88 8.60 -15.37
N ALA A 53 -25.58 8.47 -15.55
CA ALA A 53 -24.78 7.68 -14.63
C ALA A 53 -23.52 8.48 -14.47
N SER A 54 -22.84 8.24 -13.34
CA SER A 54 -21.55 8.85 -13.10
C SER A 54 -20.60 7.92 -12.38
N PHE A 55 -19.30 8.14 -12.66
CA PHE A 55 -18.24 7.28 -12.19
C PHE A 55 -17.07 8.08 -11.72
N ALA A 56 -16.33 7.56 -10.72
CA ALA A 56 -15.01 8.06 -10.39
C ALA A 56 -13.96 7.11 -10.97
N LEU A 57 -12.94 7.66 -11.61
CA LEU A 57 -11.78 6.84 -12.02
C LEU A 57 -11.18 6.13 -10.82
N GLN A 58 -11.02 6.86 -9.72
CA GLN A 58 -10.69 6.25 -8.47
C GLN A 58 -11.67 5.10 -8.15
N GLY A 59 -11.15 3.86 -8.07
CA GLY A 59 -11.98 2.73 -7.72
C GLY A 59 -13.03 2.37 -8.80
N ALA A 60 -12.90 2.89 -10.03
CA ALA A 60 -13.93 2.62 -11.08
C ALA A 60 -15.28 2.69 -10.43
N HIS A 61 -15.49 3.74 -9.70
CA HIS A 61 -16.58 3.68 -8.73
C HIS A 61 -17.85 4.29 -9.42
N LEU A 62 -18.80 3.42 -9.71
CA LEU A 62 -20.09 3.80 -10.07
C LEU A 62 -20.77 4.57 -9.01
N LEU A 63 -20.91 5.89 -9.25
CA LEU A 63 -21.44 6.83 -8.23
C LEU A 63 -22.88 7.04 -8.36
N SER A 64 -23.42 7.09 -9.56
CA SER A 64 -24.89 7.16 -9.66
C SER A 64 -25.47 6.56 -10.92
N TRP A 65 -26.78 6.30 -10.87
CA TRP A 65 -27.49 5.65 -11.95
C TRP A 65 -29.01 5.85 -11.94
N LYS A 66 -29.45 6.49 -13.04
CA LYS A 66 -30.81 6.96 -13.11
C LYS A 66 -31.24 6.73 -14.53
N PRO A 67 -31.96 5.68 -14.75
CA PRO A 67 -32.57 5.42 -16.03
C PRO A 67 -33.76 6.44 -16.26
N VAL A 68 -33.94 6.93 -17.47
CA VAL A 68 -34.91 8.03 -17.70
C VAL A 68 -36.33 7.69 -17.22
N GLY A 69 -36.97 8.65 -16.57
CA GLY A 69 -38.29 8.42 -16.02
C GLY A 69 -38.30 7.80 -14.65
N GLU A 70 -37.13 7.68 -14.03
CA GLU A 70 -37.08 7.03 -12.70
C GLU A 70 -36.45 7.94 -11.61
N GLU A 71 -36.66 7.62 -10.34
CA GLU A 71 -35.84 8.21 -9.31
C GLU A 71 -34.45 7.54 -9.36
N GLU A 72 -33.44 8.28 -8.95
CA GLU A 72 -32.10 7.74 -8.77
C GLU A 72 -32.21 6.38 -8.05
N VAL A 73 -31.49 5.39 -8.61
CA VAL A 73 -31.55 4.04 -8.11
C VAL A 73 -30.43 3.91 -7.04
N LEU A 74 -29.26 4.49 -7.30
CA LEU A 74 -28.14 4.38 -6.38
C LEU A 74 -28.09 5.59 -5.46
N TRP A 75 -27.70 5.36 -4.19
CA TRP A 75 -27.59 6.37 -3.18
C TRP A 75 -26.11 6.81 -3.15
N LEU A 76 -25.89 8.10 -2.90
CA LEU A 76 -24.59 8.69 -2.81
C LEU A 76 -24.60 9.66 -1.59
N SER A 77 -23.66 9.52 -0.69
CA SER A 77 -23.58 10.41 0.40
C SER A 77 -23.28 11.86 0.06
N ASN A 78 -24.06 12.72 0.65
CA ASN A 78 -23.91 14.19 0.47
C ASN A 78 -22.84 14.68 1.34
N ASN A 79 -22.18 13.73 1.97
CA ASN A 79 -21.04 13.93 2.87
C ASN A 79 -19.78 13.30 2.32
N THR A 80 -19.85 12.41 1.34
CA THR A 80 -18.61 11.77 1.01
C THR A 80 -17.57 12.78 0.52
N PRO A 81 -16.35 12.68 1.04
CA PRO A 81 -15.20 13.34 0.50
C PRO A 81 -15.00 12.86 -0.91
N PHE A 82 -14.32 13.70 -1.70
CA PHE A 82 -13.86 13.32 -3.02
C PHE A 82 -12.37 13.66 -3.08
N LYS A 83 -11.55 12.81 -2.43
CA LYS A 83 -10.15 13.12 -2.17
C LYS A 83 -9.25 11.99 -2.67
N THR A 84 -8.07 12.29 -3.19
CA THR A 84 -7.15 11.23 -3.51
C THR A 84 -6.95 10.18 -2.40
N GLY A 85 -7.40 8.97 -2.76
CA GLY A 85 -7.09 7.69 -2.09
C GLY A 85 -8.07 7.41 -0.98
N VAL A 86 -9.00 8.36 -0.79
CA VAL A 86 -10.06 8.21 0.21
C VAL A 86 -11.32 7.53 -0.42
N ALA A 87 -11.81 6.46 0.24
CA ALA A 87 -12.92 5.64 -0.28
C ALA A 87 -14.22 6.44 -0.41
N LEU A 88 -14.92 6.33 -1.54
CA LEU A 88 -16.16 7.04 -1.72
C LEU A 88 -17.29 6.39 -0.98
N ARG A 89 -18.09 7.18 -0.29
CA ARG A 89 -19.20 6.60 0.42
C ARG A 89 -20.51 6.62 -0.38
N GLY A 90 -20.90 5.46 -0.93
CA GLY A 90 -22.13 5.22 -1.69
C GLY A 90 -21.88 4.60 -3.05
N GLY A 91 -22.85 4.66 -3.98
CA GLY A 91 -22.56 4.16 -5.31
C GLY A 91 -22.38 2.67 -5.16
N VAL A 92 -21.52 2.10 -5.94
CA VAL A 92 -21.20 0.72 -5.80
C VAL A 92 -19.68 0.63 -5.57
N PRO A 93 -19.26 0.62 -4.31
CA PRO A 93 -17.79 0.38 -4.02
C PRO A 93 -17.44 -1.00 -4.51
N ILE A 94 -16.39 -1.09 -5.29
CA ILE A 94 -15.76 -2.36 -5.63
C ILE A 94 -14.76 -2.77 -4.49
N CYS A 95 -15.06 -3.91 -3.87
CA CYS A 95 -14.34 -4.37 -2.67
C CYS A 95 -13.46 -5.50 -3.11
N TRP A 96 -12.16 -5.20 -3.18
CA TRP A 96 -11.26 -6.17 -3.78
C TRP A 96 -9.84 -5.81 -3.46
N PRO A 97 -9.02 -6.82 -3.19
CA PRO A 97 -9.13 -8.30 -3.16
C PRO A 97 -9.46 -9.00 -1.82
N TRP A 98 -9.93 -8.27 -0.81
CA TRP A 98 -10.55 -8.86 0.30
C TRP A 98 -11.82 -8.01 0.55
N PHE A 99 -12.78 -8.65 1.22
CA PHE A 99 -14.06 -8.08 1.59
C PHE A 99 -14.07 -7.96 3.12
N GLY A 100 -14.42 -6.79 3.62
CA GLY A 100 -14.50 -6.66 5.09
C GLY A 100 -13.16 -6.37 5.71
N PRO A 101 -13.01 -6.52 7.03
CA PRO A 101 -11.72 -5.96 7.60
C PRO A 101 -10.52 -6.71 7.13
N ALA A 102 -9.43 -6.01 6.95
CA ALA A 102 -8.20 -6.70 6.53
C ALA A 102 -7.65 -7.74 7.57
N ALA A 103 -6.85 -8.66 7.04
CA ALA A 103 -6.20 -9.64 7.86
C ALA A 103 -5.18 -8.93 8.84
N GLN A 104 -4.46 -7.91 8.37
CA GLN A 104 -3.34 -7.25 9.04
C GLN A 104 -3.76 -5.87 9.54
N GLN A 105 -3.67 -5.65 10.84
CA GLN A 105 -3.95 -4.32 11.35
C GLN A 105 -3.19 -3.27 10.56
N GLY A 106 -3.89 -2.16 10.27
CA GLY A 106 -3.26 -1.05 9.54
C GLY A 106 -3.53 -1.15 8.06
N LEU A 107 -4.39 -2.06 7.60
CA LEU A 107 -4.77 -2.11 6.19
C LEU A 107 -6.30 -1.89 6.18
N PRO A 108 -6.82 -1.25 5.16
CA PRO A 108 -8.21 -0.91 5.30
C PRO A 108 -9.20 -2.10 5.11
N SER A 109 -10.44 -1.89 5.52
CA SER A 109 -11.51 -2.75 5.10
C SER A 109 -11.60 -2.70 3.59
N HIS A 110 -12.11 -3.80 2.99
CA HIS A 110 -12.65 -3.85 1.60
C HIS A 110 -11.60 -3.64 0.50
N GLY A 111 -10.34 -4.07 0.75
CA GLY A 111 -9.35 -4.07 -0.34
C GLY A 111 -8.78 -2.67 -0.64
N PHE A 112 -8.28 -2.47 -1.88
CA PHE A 112 -7.54 -1.25 -2.07
C PHE A 112 -7.92 -0.82 -3.42
N ALA A 113 -8.65 -1.67 -4.11
CA ALA A 113 -9.11 -1.26 -5.45
C ALA A 113 -9.94 -0.02 -5.41
N ARG A 114 -10.77 0.14 -4.41
CA ARG A 114 -11.62 1.35 -4.38
C ARG A 114 -10.83 2.62 -4.08
N ASN A 115 -9.51 2.44 -3.87
CA ASN A 115 -8.64 3.59 -3.43
C ASN A 115 -7.79 4.16 -4.55
N LEU A 116 -7.62 3.36 -5.61
CA LEU A 116 -6.63 3.63 -6.61
C LEU A 116 -7.31 4.15 -7.94
N PRO A 117 -6.59 5.00 -8.71
CA PRO A 117 -7.16 5.38 -10.01
C PRO A 117 -7.21 4.19 -10.99
N TRP A 118 -8.32 3.93 -11.68
CA TRP A 118 -8.27 2.99 -12.79
C TRP A 118 -8.16 3.85 -14.06
N ALA A 119 -8.01 3.19 -15.22
CA ALA A 119 -7.91 3.82 -16.54
C ALA A 119 -9.22 3.47 -17.19
N LEU A 120 -9.83 4.40 -17.94
CA LEU A 120 -11.02 4.10 -18.70
C LEU A 120 -10.38 3.59 -19.93
N LYS A 121 -10.37 2.26 -20.08
CA LYS A 121 -9.76 1.55 -21.23
C LYS A 121 -10.59 1.53 -22.48
N ALA A 122 -11.89 1.44 -22.35
CA ALA A 122 -12.75 1.30 -23.56
C ALA A 122 -14.16 1.79 -23.28
N HIS A 123 -14.85 2.15 -24.38
CA HIS A 123 -16.26 2.57 -24.25
C HIS A 123 -16.88 2.54 -25.65
N ASN A 124 -18.15 2.12 -25.70
CA ASN A 124 -18.99 2.27 -26.85
C ASN A 124 -20.36 2.72 -26.39
N GLU A 125 -21.10 3.31 -27.32
CA GLU A 125 -22.50 3.72 -27.08
C GLU A 125 -23.43 3.42 -28.25
N ASP A 126 -24.72 3.49 -27.93
CA ASP A 126 -25.90 3.10 -28.72
C ASP A 126 -26.93 4.13 -28.46
N ASP A 127 -28.08 3.87 -29.07
CA ASP A 127 -29.31 4.50 -28.73
C ASP A 127 -29.84 3.90 -27.42
N ASN A 128 -29.34 2.74 -26.96
CA ASN A 128 -29.88 2.14 -25.71
C ASN A 128 -29.12 2.47 -24.42
N GLY A 129 -27.89 2.98 -24.57
CA GLY A 129 -26.99 3.09 -23.45
C GLY A 129 -25.53 3.13 -23.71
N VAL A 130 -24.73 2.97 -22.66
CA VAL A 130 -23.26 3.16 -22.74
C VAL A 130 -22.51 1.97 -22.09
N MET A 131 -21.45 1.45 -22.71
CA MET A 131 -20.57 0.48 -22.09
C MET A 131 -19.28 1.18 -21.76
N LEU A 132 -18.70 0.83 -20.59
CA LEU A 132 -17.38 1.35 -20.16
C LEU A 132 -16.54 0.22 -19.58
N THR A 133 -15.28 0.16 -19.96
CA THR A 133 -14.39 -0.77 -19.33
C THR A 133 -13.30 0.02 -18.63
N PHE A 134 -13.18 -0.28 -17.35
CA PHE A 134 -12.11 0.30 -16.55
C PHE A 134 -11.09 -0.72 -16.28
N GLU A 135 -9.85 -0.30 -16.13
CA GLU A 135 -8.72 -1.23 -15.77
C GLU A 135 -7.77 -0.76 -14.66
N LEU A 136 -7.31 -1.72 -13.85
CA LEU A 136 -6.40 -1.48 -12.73
C LEU A 136 -5.33 -2.56 -12.71
N GLN A 137 -4.06 -2.16 -12.72
CA GLN A 137 -2.96 -3.10 -12.83
C GLN A 137 -2.10 -3.16 -11.55
N SER A 138 -1.55 -4.32 -11.23
CA SER A 138 -0.65 -4.38 -10.11
C SER A 138 0.53 -3.42 -10.36
N SER A 139 1.07 -2.84 -9.29
CA SER A 139 2.38 -2.16 -9.39
C SER A 139 3.33 -2.60 -8.30
N GLU A 140 4.62 -2.26 -8.50
CA GLU A 140 5.65 -2.29 -7.44
C GLU A 140 5.13 -1.54 -6.16
N ALA A 141 4.28 -0.50 -6.34
CA ALA A 141 3.61 0.15 -5.20
C ALA A 141 2.65 -0.81 -4.48
N THR A 142 1.82 -1.45 -5.30
CA THR A 142 0.71 -2.25 -4.88
C THR A 142 1.19 -3.49 -4.14
N ARG A 143 2.40 -3.92 -4.52
CA ARG A 143 2.87 -5.23 -4.13
C ARG A 143 3.45 -5.23 -2.68
N LYS A 144 3.79 -4.03 -2.22
CA LYS A 144 4.35 -3.89 -0.88
C LYS A 144 3.27 -4.35 0.14
N TYR A 145 2.01 -4.32 -0.26
CA TYR A 145 1.03 -4.77 0.71
C TYR A 145 0.12 -5.92 0.22
N TRP A 146 0.20 -6.26 -1.06
CA TRP A 146 -0.48 -7.46 -1.55
C TRP A 146 0.47 -8.04 -2.63
N PRO A 147 1.23 -9.04 -2.28
CA PRO A 147 2.35 -9.38 -3.16
C PRO A 147 1.88 -10.31 -4.27
N HIS A 148 1.15 -9.75 -5.22
CA HIS A 148 0.61 -10.49 -6.37
C HIS A 148 0.43 -9.56 -7.60
N ASP A 149 0.86 -10.04 -8.77
CA ASP A 149 0.53 -9.37 -10.01
C ASP A 149 -0.92 -9.61 -10.29
N PHE A 150 -1.61 -8.59 -10.80
CA PHE A 150 -2.98 -8.78 -11.28
C PHE A 150 -3.31 -7.76 -12.36
N THR A 151 -4.40 -8.05 -13.07
CA THR A 151 -5.09 -7.04 -13.93
C THR A 151 -6.54 -7.20 -13.55
N LEU A 152 -7.12 -6.07 -13.10
CA LEU A 152 -8.55 -6.09 -12.67
C LEU A 152 -9.34 -5.32 -13.65
N LEU A 153 -10.44 -5.86 -14.18
CA LEU A 153 -11.31 -5.17 -15.13
C LEU A 153 -12.68 -5.09 -14.60
N ALA A 154 -13.25 -3.91 -14.83
CA ALA A 154 -14.63 -3.58 -14.47
C ALA A 154 -15.42 -3.03 -15.68
N ARG A 155 -16.48 -3.73 -16.01
CA ARG A 155 -17.26 -3.41 -17.20
C ARG A 155 -18.69 -3.09 -16.82
N PHE A 156 -19.17 -2.00 -17.41
CA PHE A 156 -20.51 -1.48 -17.11
C PHE A 156 -21.31 -1.32 -18.40
N LYS A 157 -22.56 -1.72 -18.34
CA LYS A 157 -23.50 -1.37 -19.40
C LYS A 157 -24.59 -0.58 -18.67
N VAL A 158 -24.65 0.71 -18.91
CA VAL A 158 -25.73 1.46 -18.25
C VAL A 158 -26.77 1.92 -19.27
N GLY A 159 -28.05 1.68 -18.99
CA GLY A 159 -29.13 2.26 -19.68
C GLY A 159 -30.37 2.11 -18.89
N LYS A 160 -31.30 1.30 -19.33
CA LYS A 160 -32.57 1.23 -18.61
C LYS A 160 -32.31 0.17 -17.60
N THR A 161 -31.35 -0.70 -17.86
CA THR A 161 -30.90 -1.57 -16.81
C THR A 161 -29.40 -1.28 -16.59
N CYS A 162 -28.80 -1.87 -15.59
CA CYS A 162 -27.42 -1.54 -15.30
C CYS A 162 -26.68 -2.79 -15.03
N GLU A 163 -25.60 -2.98 -15.73
CA GLU A 163 -24.86 -4.21 -15.51
C GLU A 163 -23.43 -3.92 -15.18
N ILE A 164 -22.99 -4.65 -14.17
CA ILE A 164 -21.69 -4.43 -13.53
C ILE A 164 -21.02 -5.80 -13.43
N GLU A 165 -19.77 -5.88 -13.86
CA GLU A 165 -19.04 -7.09 -14.17
C GLU A 165 -17.60 -6.72 -13.81
N LEU A 166 -17.06 -7.51 -12.88
CA LEU A 166 -15.70 -7.41 -12.33
C LEU A 166 -14.96 -8.66 -12.78
N GLU A 167 -13.74 -8.53 -13.25
CA GLU A 167 -12.98 -9.67 -13.70
C GLU A 167 -11.48 -9.54 -13.28
N ALA A 168 -10.98 -10.47 -12.45
CA ALA A 168 -9.60 -10.46 -11.98
C ALA A 168 -8.73 -11.58 -12.62
N HIS A 169 -7.65 -11.14 -13.25
CA HIS A 169 -6.65 -11.99 -13.88
C HIS A 169 -5.43 -12.04 -13.00
N GLY A 170 -4.90 -13.26 -12.88
CA GLY A 170 -3.72 -13.53 -12.07
C GLY A 170 -3.90 -14.90 -11.46
N GLU A 171 -3.07 -15.19 -10.46
CA GLU A 171 -2.94 -16.47 -9.84
C GLU A 171 -2.96 -16.23 -8.35
N PHE A 172 -4.18 -16.20 -7.77
CA PHE A 172 -4.33 -15.86 -6.39
C PHE A 172 -5.74 -16.16 -5.90
N ALA A 173 -5.86 -16.20 -4.59
CA ALA A 173 -7.17 -16.10 -3.94
C ALA A 173 -7.62 -14.65 -3.50
N THR A 174 -8.92 -14.34 -3.71
CA THR A 174 -9.47 -13.09 -3.26
C THR A 174 -10.74 -13.33 -2.52
N THR A 175 -11.24 -12.26 -1.91
CA THR A 175 -12.55 -12.27 -1.36
C THR A 175 -13.03 -10.93 -1.77
N SER A 176 -14.27 -10.82 -2.22
CA SER A 176 -14.66 -9.53 -2.80
C SER A 176 -16.15 -9.27 -2.72
N ALA A 177 -16.59 -8.04 -3.09
CA ALA A 177 -18.02 -7.68 -3.15
C ALA A 177 -18.31 -6.50 -4.10
N LEU A 178 -19.51 -6.42 -4.67
CA LEU A 178 -19.97 -5.15 -5.27
C LEU A 178 -20.86 -4.57 -4.19
N HIS A 179 -20.42 -3.46 -3.59
CA HIS A 179 -21.05 -3.03 -2.36
C HIS A 179 -22.19 -2.01 -2.59
N SER A 180 -23.19 -2.43 -3.34
CA SER A 180 -24.18 -1.47 -3.86
C SER A 180 -25.03 -0.72 -2.88
N TYR A 181 -25.09 0.61 -2.99
CA TYR A 181 -25.98 1.39 -2.14
C TYR A 181 -27.23 1.80 -2.93
N PHE A 182 -28.36 1.25 -2.54
CA PHE A 182 -29.59 1.58 -3.26
C PHE A 182 -30.41 2.65 -2.60
N ASN A 183 -30.89 3.59 -3.41
CA ASN A 183 -31.69 4.74 -3.01
C ASN A 183 -33.04 4.25 -2.71
N VAL A 184 -33.53 4.68 -1.57
CA VAL A 184 -34.74 4.15 -1.04
C VAL A 184 -35.45 5.31 -0.34
N GLY A 185 -36.78 5.32 -0.38
CA GLY A 185 -37.50 6.44 0.22
C GLY A 185 -37.45 6.58 1.75
N ASP A 186 -37.38 5.46 2.47
CA ASP A 186 -37.37 5.51 3.91
C ASP A 186 -37.09 4.11 4.39
N ILE A 187 -35.94 3.91 5.03
CA ILE A 187 -35.47 2.57 5.34
C ILE A 187 -36.54 1.89 6.14
N ALA A 188 -37.41 2.67 6.76
CA ALA A 188 -38.51 2.07 7.52
C ALA A 188 -39.64 1.37 6.65
N ASN A 189 -39.83 1.76 5.40
CA ASN A 189 -40.79 1.03 4.58
C ASN A 189 -40.15 0.11 3.65
N VAL A 190 -38.98 -0.40 4.02
CA VAL A 190 -38.25 -1.23 3.07
C VAL A 190 -38.26 -2.72 3.49
N LYS A 191 -38.53 -3.63 2.59
CA LYS A 191 -38.15 -4.97 2.88
C LYS A 191 -37.44 -5.46 1.65
N VAL A 192 -36.54 -6.41 1.82
CA VAL A 192 -35.78 -7.00 0.73
C VAL A 192 -36.12 -8.50 0.74
N SER A 193 -36.58 -9.01 -0.39
CA SER A 193 -36.99 -10.42 -0.44
C SER A 193 -35.98 -11.20 -1.24
N GLY A 194 -36.13 -12.52 -1.25
CA GLY A 194 -35.28 -13.36 -2.07
C GLY A 194 -33.99 -13.73 -1.39
N LEU A 195 -33.87 -13.46 -0.10
CA LEU A 195 -32.63 -13.73 0.63
C LEU A 195 -32.44 -15.18 1.08
N GLY A 196 -33.44 -16.02 0.89
CA GLY A 196 -33.24 -17.43 1.20
C GLY A 196 -33.52 -17.71 2.66
N ASP A 197 -32.66 -18.53 3.28
CA ASP A 197 -32.90 -19.04 4.62
C ASP A 197 -31.77 -18.68 5.57
N ARG A 198 -30.64 -19.41 5.50
CA ARG A 198 -29.55 -19.24 6.46
C ARG A 198 -28.83 -17.90 6.26
N PHE A 199 -28.47 -17.21 7.33
CA PHE A 199 -27.54 -16.11 7.26
C PHE A 199 -26.57 -16.00 8.49
N ILE A 200 -25.48 -15.28 8.27
CA ILE A 200 -24.52 -15.00 9.35
C ILE A 200 -24.78 -13.58 9.80
N ASP A 201 -24.90 -13.37 11.09
CA ASP A 201 -25.27 -12.04 11.57
C ASP A 201 -24.01 -11.37 12.17
N LYS A 202 -23.30 -10.61 11.36
CA LYS A 202 -22.11 -9.94 11.78
C LYS A 202 -22.39 -8.94 12.89
N VAL A 203 -23.61 -8.49 13.07
CA VAL A 203 -23.82 -7.57 14.13
C VAL A 203 -23.89 -8.34 15.40
N ASN A 204 -24.35 -9.59 15.31
CA ASN A 204 -24.51 -10.41 16.54
C ASN A 204 -23.62 -11.66 16.61
N ASP A 205 -22.32 -11.43 16.76
CA ASP A 205 -21.30 -12.45 17.09
C ASP A 205 -21.25 -13.49 16.04
N ALA A 206 -21.51 -13.07 14.81
CA ALA A 206 -21.53 -13.99 13.68
C ALA A 206 -22.48 -15.19 13.92
N LYS A 207 -23.58 -15.02 14.66
CA LYS A 207 -24.49 -16.13 14.84
C LYS A 207 -25.29 -16.42 13.60
N GLU A 208 -25.63 -17.66 13.38
CA GLU A 208 -26.49 -18.07 12.31
C GLU A 208 -27.97 -17.93 12.59
N GLY A 209 -28.71 -17.39 11.64
CA GLY A 209 -30.10 -17.36 11.81
C GLY A 209 -30.77 -17.86 10.58
N VAL A 210 -32.08 -18.00 10.64
CA VAL A 210 -32.81 -18.56 9.50
C VAL A 210 -34.07 -17.83 9.28
N LEU A 211 -34.14 -17.17 8.13
CA LEU A 211 -35.41 -16.61 7.60
C LEU A 211 -36.33 -17.76 7.17
N THR A 212 -37.63 -17.59 7.32
CA THR A 212 -38.59 -18.64 6.93
C THR A 212 -39.26 -18.30 5.62
N ASP A 213 -38.95 -17.12 5.07
CA ASP A 213 -39.58 -16.63 3.87
C ASP A 213 -38.65 -15.71 3.05
N GLY A 214 -37.36 -15.61 3.43
CA GLY A 214 -36.38 -14.88 2.55
C GLY A 214 -36.48 -13.34 2.53
N ILE A 215 -37.19 -12.81 3.52
CA ILE A 215 -37.49 -11.39 3.66
C ILE A 215 -36.75 -10.75 4.89
N GLN A 216 -35.91 -9.74 4.61
CA GLN A 216 -35.19 -9.03 5.61
C GLN A 216 -35.69 -7.65 5.67
N THR A 217 -35.96 -7.20 6.88
CA THR A 217 -36.25 -5.74 7.11
C THR A 217 -35.12 -5.15 7.93
N PHE A 218 -35.18 -3.87 8.14
CA PHE A 218 -34.02 -3.08 8.47
C PHE A 218 -34.45 -2.05 9.54
N PRO A 219 -35.01 -2.55 10.64
CA PRO A 219 -35.42 -1.72 11.78
C PRO A 219 -34.33 -0.85 12.36
N ASP A 220 -33.07 -1.31 12.27
CA ASP A 220 -31.90 -0.64 12.88
C ASP A 220 -30.63 -1.24 12.22
N ARG A 221 -29.47 -0.99 12.78
CA ARG A 221 -28.26 -1.65 12.28
C ARG A 221 -28.42 -3.13 11.95
N THR A 222 -28.06 -3.48 10.70
CA THR A 222 -28.20 -4.83 10.20
C THR A 222 -27.03 -5.14 9.31
N ASP A 223 -26.45 -6.32 9.47
CA ASP A 223 -25.22 -6.64 8.68
C ASP A 223 -25.26 -8.14 8.47
N ARG A 224 -25.81 -8.53 7.34
CA ARG A 224 -26.09 -9.94 7.18
C ARG A 224 -25.54 -10.55 5.95
N VAL A 225 -24.93 -11.70 6.11
CA VAL A 225 -24.31 -12.45 4.95
C VAL A 225 -25.22 -13.60 4.65
N TYR A 226 -26.01 -13.55 3.58
CA TYR A 226 -26.92 -14.67 3.30
C TYR A 226 -26.27 -15.86 2.53
N LEU A 227 -26.42 -17.09 3.00
CA LEU A 227 -25.69 -18.29 2.45
C LEU A 227 -26.36 -19.01 1.29
N ASN A 228 -27.64 -18.71 1.21
CA ASN A 228 -28.57 -19.36 0.33
C ASN A 228 -29.55 -18.41 -0.34
N PRO A 229 -29.05 -17.27 -0.80
CA PRO A 229 -30.03 -16.39 -1.42
C PRO A 229 -30.41 -16.89 -2.85
N GLU A 230 -31.57 -16.48 -3.30
CA GLU A 230 -31.91 -16.58 -4.69
C GLU A 230 -30.95 -15.75 -5.55
N ALA A 231 -30.93 -16.04 -6.84
CA ALA A 231 -30.17 -15.22 -7.79
C ALA A 231 -30.62 -13.76 -7.74
N CYS A 232 -31.89 -13.56 -7.47
CA CYS A 232 -32.37 -12.20 -7.62
C CYS A 232 -32.90 -11.71 -6.28
N SER A 233 -32.35 -10.60 -5.79
CA SER A 233 -32.84 -10.02 -4.57
C SER A 233 -33.76 -8.91 -5.00
N VAL A 234 -34.82 -8.66 -4.25
CA VAL A 234 -35.79 -7.62 -4.63
C VAL A 234 -35.98 -6.60 -3.53
N ILE A 235 -35.69 -5.36 -3.81
CA ILE A 235 -35.96 -4.34 -2.84
C ILE A 235 -37.39 -3.82 -3.02
N HIS A 236 -38.20 -4.02 -1.99
CA HIS A 236 -39.55 -3.40 -2.01
C HIS A 236 -39.53 -2.13 -1.25
N ASP A 237 -39.88 -1.06 -1.96
CA ASP A 237 -39.89 0.28 -1.40
C ASP A 237 -41.29 1.01 -1.50
N ALA A 238 -41.97 1.02 -0.35
CA ALA A 238 -43.29 1.62 -0.18
C ALA A 238 -43.31 3.17 -0.10
N THR A 239 -42.17 3.84 0.04
CA THR A 239 -42.25 5.26 0.01
C THR A 239 -42.19 5.70 -1.42
N LEU A 240 -41.17 5.29 -2.17
CA LEU A 240 -41.00 5.74 -3.53
C LEU A 240 -41.88 4.91 -4.45
N ASN A 241 -42.52 3.86 -3.91
CA ASN A 241 -43.41 2.99 -4.73
C ASN A 241 -42.83 2.23 -5.90
N ARG A 242 -41.85 1.40 -5.60
CA ARG A 242 -41.07 0.74 -6.60
C ARG A 242 -40.37 -0.43 -6.05
N THR A 243 -40.04 -1.34 -6.97
CA THR A 243 -39.18 -2.39 -6.64
C THR A 243 -37.90 -2.26 -7.45
N ILE A 244 -36.83 -2.72 -6.78
CA ILE A 244 -35.53 -2.74 -7.44
C ILE A 244 -35.04 -4.14 -7.44
N ASP A 245 -34.85 -4.63 -8.66
CA ASP A 245 -34.36 -5.99 -8.82
C ASP A 245 -32.82 -6.08 -8.79
N VAL A 246 -32.29 -6.95 -7.96
CA VAL A 246 -30.85 -7.11 -8.01
C VAL A 246 -30.44 -8.54 -8.27
N VAL A 247 -29.79 -8.76 -9.42
CA VAL A 247 -29.45 -10.10 -9.90
C VAL A 247 -27.99 -10.31 -9.75
N HIS A 248 -27.66 -11.39 -9.05
CA HIS A 248 -26.28 -11.71 -8.68
C HIS A 248 -25.68 -12.72 -9.60
N HIS A 249 -24.47 -12.52 -10.12
CA HIS A 249 -23.85 -13.65 -10.81
C HIS A 249 -22.41 -13.90 -10.36
N HIS A 250 -22.03 -15.18 -10.53
CA HIS A 250 -20.78 -15.70 -10.15
C HIS A 250 -20.43 -15.59 -8.69
N HIS A 251 -21.41 -15.43 -7.80
CA HIS A 251 -21.16 -14.96 -6.45
C HIS A 251 -21.31 -16.19 -5.56
N LEU A 252 -20.99 -16.04 -4.26
CA LEU A 252 -21.28 -17.12 -3.28
C LEU A 252 -22.35 -16.66 -2.29
N ASN A 253 -22.29 -15.38 -1.94
CA ASN A 253 -23.13 -14.90 -0.89
C ASN A 253 -23.87 -13.62 -1.44
N VAL A 254 -24.95 -13.20 -0.75
CA VAL A 254 -25.38 -11.80 -0.81
C VAL A 254 -25.25 -11.16 0.57
N VAL A 255 -24.94 -9.88 0.64
CA VAL A 255 -25.01 -9.21 1.94
C VAL A 255 -25.99 -8.05 1.92
N GLY A 256 -26.76 -7.94 3.02
CA GLY A 256 -27.72 -6.81 3.22
C GLY A 256 -27.23 -6.03 4.40
N TRP A 257 -27.13 -4.71 4.26
CA TRP A 257 -26.55 -3.91 5.32
C TRP A 257 -27.16 -2.55 5.33
N ASN A 258 -27.43 -2.04 6.51
CA ASN A 258 -27.69 -0.61 6.74
C ASN A 258 -27.07 -0.28 8.09
N PRO A 259 -26.35 0.84 8.19
CA PRO A 259 -25.64 1.08 9.49
C PRO A 259 -26.51 1.33 10.68
N GLY A 260 -27.70 1.86 10.45
CA GLY A 260 -28.51 2.37 11.52
C GLY A 260 -28.07 3.77 11.98
N PRO A 261 -28.89 4.39 12.81
CA PRO A 261 -28.62 5.77 13.21
C PRO A 261 -27.29 6.08 13.97
N ALA A 262 -26.91 5.28 14.93
CA ALA A 262 -25.71 5.56 15.70
C ALA A 262 -24.50 5.54 14.77
N LEU A 263 -24.28 4.44 14.02
CA LEU A 263 -23.17 4.42 13.03
C LEU A 263 -23.34 5.45 11.93
N SER A 264 -24.54 5.74 11.49
CA SER A 264 -24.65 6.75 10.43
C SER A 264 -24.12 8.11 10.94
N VAL A 265 -24.35 8.45 12.19
CA VAL A 265 -23.74 9.62 12.80
C VAL A 265 -22.25 9.52 12.94
N SER A 266 -21.73 8.40 13.49
CA SER A 266 -20.24 8.26 13.78
C SER A 266 -19.45 8.47 12.52
N MET A 267 -19.95 7.94 11.41
CA MET A 267 -19.18 7.87 10.16
C MET A 267 -19.01 9.31 9.66
N GLY A 268 -17.76 9.78 9.52
CA GLY A 268 -17.45 11.09 8.99
C GLY A 268 -17.99 11.33 7.61
N ASP A 269 -18.23 10.24 6.88
CA ASP A 269 -18.49 10.35 5.44
C ASP A 269 -19.99 10.08 5.05
N MET A 270 -20.86 10.12 6.05
CA MET A 270 -22.28 9.93 5.85
C MET A 270 -23.03 10.97 6.70
N PRO A 271 -24.17 11.53 6.21
CA PRO A 271 -24.89 12.48 7.13
C PRO A 271 -25.55 11.74 8.28
N ASP A 272 -25.92 12.42 9.35
CA ASP A 272 -26.53 11.80 10.52
C ASP A 272 -27.71 10.96 10.11
N ASP A 273 -28.44 11.44 9.13
CA ASP A 273 -29.66 10.81 8.79
C ASP A 273 -29.50 10.04 7.45
N GLY A 274 -28.26 9.89 6.99
CA GLY A 274 -27.97 9.10 5.79
C GLY A 274 -28.63 7.72 5.74
N TYR A 275 -28.57 6.96 6.84
CA TYR A 275 -29.08 5.59 6.84
C TYR A 275 -30.62 5.52 6.51
N LYS A 276 -31.28 6.64 6.46
CA LYS A 276 -32.74 6.64 6.36
C LYS A 276 -33.13 6.30 4.93
N THR A 277 -32.21 6.52 4.02
CA THR A 277 -32.46 6.74 2.63
C THR A 277 -31.71 5.71 1.80
N PHE A 278 -31.07 4.69 2.42
CA PHE A 278 -30.47 3.59 1.68
C PHE A 278 -30.48 2.21 2.37
N VAL A 279 -30.33 1.19 1.53
CA VAL A 279 -30.06 -0.17 1.93
C VAL A 279 -28.93 -0.70 0.97
N CYS A 280 -27.94 -1.36 1.53
CA CYS A 280 -26.98 -2.01 0.62
C CYS A 280 -27.44 -3.46 0.40
N VAL A 281 -27.58 -3.85 -0.87
CA VAL A 281 -27.78 -5.24 -1.19
C VAL A 281 -26.57 -5.59 -2.03
N GLU A 282 -25.65 -6.34 -1.44
CA GLU A 282 -24.33 -6.53 -2.04
C GLU A 282 -24.14 -7.89 -2.70
N THR A 283 -23.50 -7.90 -3.88
CA THR A 283 -23.09 -9.14 -4.51
C THR A 283 -21.71 -9.50 -4.03
N VAL A 284 -21.57 -10.63 -3.40
CA VAL A 284 -20.38 -10.89 -2.65
C VAL A 284 -19.80 -12.26 -2.89
N TYR A 285 -18.48 -12.37 -2.73
CA TYR A 285 -17.82 -13.69 -2.56
C TYR A 285 -16.90 -13.63 -1.38
N ALA A 286 -17.34 -14.17 -0.25
CA ALA A 286 -16.71 -13.88 1.04
C ALA A 286 -16.53 -15.09 2.00
N THR A 287 -17.51 -16.01 2.02
CA THR A 287 -17.41 -17.08 3.02
C THR A 287 -16.51 -18.27 2.55
N ALA A 288 -15.95 -18.13 1.37
CA ALA A 288 -14.92 -18.99 0.89
C ALA A 288 -14.08 -18.12 -0.08
N PRO A 289 -12.83 -18.55 -0.30
CA PRO A 289 -11.93 -17.81 -1.20
C PRO A 289 -12.31 -18.11 -2.59
N GLN A 290 -12.13 -17.12 -3.44
CA GLN A 290 -12.30 -17.29 -4.89
C GLN A 290 -10.95 -17.35 -5.58
N GLN A 291 -10.69 -18.38 -6.32
CA GLN A 291 -9.39 -18.57 -6.97
C GLN A 291 -9.37 -18.06 -8.43
N ALA A 292 -8.42 -17.22 -8.83
CA ALA A 292 -8.23 -16.94 -10.24
C ALA A 292 -7.01 -17.74 -10.68
N THR A 293 -6.91 -18.05 -11.95
CA THR A 293 -5.72 -18.76 -12.45
C THR A 293 -5.45 -18.18 -13.77
N GLU A 294 -4.22 -18.39 -14.26
CA GLU A 294 -3.80 -17.97 -15.64
C GLU A 294 -4.97 -18.18 -16.63
N GLU A 295 -5.40 -19.45 -16.81
CA GLU A 295 -6.60 -19.79 -17.63
C GLU A 295 -7.94 -19.19 -17.12
N LYS A 296 -8.25 -19.33 -15.80
CA LYS A 296 -9.57 -18.92 -15.31
C LYS A 296 -9.70 -17.73 -14.28
N PRO A 297 -9.82 -16.50 -14.79
CA PRO A 297 -10.00 -15.29 -13.95
C PRO A 297 -11.26 -15.38 -13.06
N SER A 298 -11.20 -14.83 -11.84
CA SER A 298 -12.36 -14.78 -10.96
C SER A 298 -13.26 -13.62 -11.40
N ARG A 299 -14.56 -13.78 -11.18
CA ARG A 299 -15.58 -12.88 -11.68
C ARG A 299 -16.69 -12.63 -10.65
N LEU A 300 -17.31 -11.44 -10.73
CA LEU A 300 -18.42 -11.15 -9.90
C LEU A 300 -19.27 -10.19 -10.71
N ALA A 301 -20.59 -10.39 -10.68
CA ALA A 301 -21.41 -9.51 -11.45
C ALA A 301 -22.79 -9.25 -10.82
N GLN A 302 -23.32 -8.04 -11.06
CA GLN A 302 -24.61 -7.65 -10.52
C GLN A 302 -25.40 -6.89 -11.62
N THR A 303 -26.66 -7.28 -11.78
CA THR A 303 -27.54 -6.64 -12.77
C THR A 303 -28.65 -5.98 -12.03
N ILE A 304 -28.97 -4.73 -12.36
CA ILE A 304 -30.02 -3.98 -11.62
C ILE A 304 -31.09 -3.52 -12.55
N CYS A 305 -32.36 -3.74 -12.20
CA CYS A 305 -33.57 -3.19 -12.83
C CYS A 305 -34.46 -2.50 -11.83
N VAL A 306 -35.26 -1.56 -12.30
CA VAL A 306 -36.25 -0.85 -11.52
C VAL A 306 -37.64 -0.92 -12.19
N ALA A 307 -38.69 -0.92 -11.38
CA ALA A 307 -40.03 -0.84 -11.92
C ALA A 307 -40.91 -0.15 -10.87
N LYS A 308 -41.61 0.93 -11.27
CA LYS A 308 -42.53 1.63 -10.36
C LYS A 308 -43.70 0.71 -9.96
N ARG A 309 -44.23 0.92 -8.74
CA ARG A 309 -45.57 0.42 -8.24
C ARG A 309 -45.57 -0.98 -7.51
N SER B 14 12.97 14.85 -30.25
CA SER B 14 13.82 13.80 -29.53
C SER B 14 13.20 13.48 -28.14
N HIS B 15 13.99 13.61 -27.05
CA HIS B 15 13.71 12.86 -25.86
C HIS B 15 12.30 13.14 -25.37
N MET B 16 11.89 14.39 -25.17
CA MET B 16 10.60 14.67 -24.42
C MET B 16 9.42 14.13 -25.17
N ILE B 17 9.41 14.33 -26.48
CA ILE B 17 8.24 14.03 -27.23
C ILE B 17 8.07 12.54 -27.16
N ASN B 18 9.19 11.82 -27.06
CA ASN B 18 9.18 10.35 -26.93
C ASN B 18 8.59 9.85 -25.59
N LYS B 19 9.04 10.47 -24.48
CA LYS B 19 8.45 10.27 -23.17
C LYS B 19 6.90 10.34 -23.23
N ILE B 20 6.37 11.39 -23.90
CA ILE B 20 4.92 11.64 -23.99
C ILE B 20 4.23 10.42 -24.53
N PHE B 21 4.73 9.95 -25.64
CA PHE B 21 4.08 8.84 -26.33
C PHE B 21 4.39 7.52 -25.66
N ALA B 22 5.45 7.42 -24.88
CA ALA B 22 5.67 6.14 -24.08
C ALA B 22 4.70 6.00 -22.91
N LEU B 23 3.96 7.08 -22.60
CA LEU B 23 3.14 7.28 -21.41
C LEU B 23 1.84 6.53 -21.51
N PRO B 24 1.35 5.96 -20.37
CA PRO B 24 0.19 5.11 -20.52
C PRO B 24 -1.11 5.85 -20.69
N VAL B 25 -2.02 5.20 -21.39
CA VAL B 25 -3.39 5.66 -21.46
C VAL B 25 -4.14 5.73 -20.09
N ILE B 26 -4.50 6.96 -19.67
CA ILE B 26 -5.44 7.12 -18.56
C ILE B 26 -6.90 6.96 -18.98
N GLU B 27 -7.34 7.63 -20.05
CA GLU B 27 -8.62 7.31 -20.79
C GLU B 27 -8.37 7.10 -22.31
N GLN B 28 -8.95 6.10 -22.99
CA GLN B 28 -9.13 6.24 -24.45
C GLN B 28 -10.36 7.10 -24.84
N LEU B 29 -10.14 8.26 -25.40
CA LEU B 29 -11.29 9.01 -25.90
C LEU B 29 -11.81 8.29 -27.14
N THR B 30 -10.89 7.82 -27.97
CA THR B 30 -11.24 7.24 -29.25
C THR B 30 -10.04 6.47 -29.70
N PRO B 31 -10.15 5.68 -30.79
CA PRO B 31 -8.99 4.80 -31.10
C PRO B 31 -7.69 5.57 -31.25
N VAL B 32 -7.78 6.88 -31.51
CA VAL B 32 -6.57 7.62 -31.71
C VAL B 32 -6.35 8.67 -30.64
N LEU B 33 -7.40 9.15 -29.99
CA LEU B 33 -7.18 10.16 -28.93
C LEU B 33 -7.19 9.57 -27.51
N SER B 34 -6.15 9.87 -26.76
CA SER B 34 -6.16 9.54 -25.37
C SER B 34 -5.78 10.71 -24.52
N ARG B 35 -6.07 10.53 -23.25
CA ARG B 35 -5.54 11.42 -22.22
C ARG B 35 -4.44 10.75 -21.41
N ARG B 36 -3.34 11.43 -21.20
CA ARG B 36 -2.20 10.86 -20.47
C ARG B 36 -1.70 11.88 -19.45
N GLN B 37 -0.71 11.53 -18.66
CA GLN B 37 -0.25 12.42 -17.67
C GLN B 37 1.23 12.36 -17.50
N LEU B 38 1.81 13.54 -17.60
CA LEU B 38 3.22 13.85 -17.37
C LEU B 38 3.21 14.83 -16.23
N ASP B 39 3.69 14.34 -15.06
CA ASP B 39 3.95 15.13 -13.91
C ASP B 39 2.61 15.72 -13.50
N ASP B 40 2.52 17.04 -13.31
CA ASP B 40 1.28 17.72 -12.91
C ASP B 40 0.24 17.68 -14.06
N LEU B 41 0.70 17.59 -15.31
CA LEU B 41 -0.21 17.95 -16.44
C LEU B 41 -0.94 16.82 -17.26
N ASP B 42 -2.24 17.02 -17.46
CA ASP B 42 -3.01 16.18 -18.34
C ASP B 42 -2.70 16.40 -19.89
N LEU B 43 -2.29 15.35 -20.59
CA LEU B 43 -2.03 15.52 -22.04
C LEU B 43 -3.10 14.86 -22.83
N ILE B 44 -3.37 15.32 -24.04
CA ILE B 44 -4.28 14.69 -24.95
C ILE B 44 -3.28 14.33 -26.04
N VAL B 45 -3.25 13.04 -26.37
CA VAL B 45 -2.20 12.57 -27.28
C VAL B 45 -2.87 11.92 -28.42
N VAL B 46 -2.41 12.30 -29.59
CA VAL B 46 -2.96 11.81 -30.86
C VAL B 46 -1.96 10.88 -31.52
N ASP B 47 -2.28 9.60 -31.54
CA ASP B 47 -1.51 8.56 -32.25
C ASP B 47 -2.29 7.97 -33.41
N HIS B 48 -1.99 8.44 -34.59
CA HIS B 48 -2.90 8.21 -35.66
C HIS B 48 -2.08 7.73 -36.82
N PRO B 49 -2.61 6.84 -37.62
CA PRO B 49 -1.74 6.34 -38.75
C PRO B 49 -1.10 7.46 -39.60
N GLN B 50 -1.76 8.58 -39.79
CA GLN B 50 -1.09 9.59 -40.57
C GLN B 50 -0.28 10.58 -39.74
N VAL B 51 -0.45 10.62 -38.42
CA VAL B 51 0.10 11.81 -37.72
C VAL B 51 0.28 11.50 -36.25
N LYS B 52 1.36 12.00 -35.66
CA LYS B 52 1.43 12.07 -34.25
C LYS B 52 1.56 13.51 -33.78
N ALA B 53 0.87 13.74 -32.66
CA ALA B 53 0.79 15.08 -32.10
C ALA B 53 0.32 14.91 -30.71
N SER B 54 0.62 15.91 -29.87
CA SER B 54 0.23 15.88 -28.49
C SER B 54 -0.05 17.29 -27.95
N PHE B 55 -0.91 17.40 -26.96
CA PHE B 55 -1.34 18.70 -26.52
C PHE B 55 -1.34 18.67 -25.04
N ALA B 56 -1.16 19.84 -24.41
CA ALA B 56 -1.56 19.95 -23.00
C ALA B 56 -2.87 20.67 -22.86
N LEU B 57 -3.68 20.26 -21.87
CA LEU B 57 -4.89 20.96 -21.59
C LEU B 57 -4.60 22.39 -21.11
N GLN B 58 -3.56 22.53 -20.30
CA GLN B 58 -3.00 23.81 -19.96
C GLN B 58 -2.48 24.50 -21.22
N GLY B 59 -3.11 25.63 -21.58
CA GLY B 59 -2.69 26.51 -22.65
C GLY B 59 -3.18 25.98 -24.00
N ALA B 60 -4.05 24.96 -23.98
CA ALA B 60 -4.42 24.33 -25.27
C ALA B 60 -3.17 24.14 -26.14
N HIS B 61 -2.17 23.48 -25.59
CA HIS B 61 -0.81 23.72 -26.03
C HIS B 61 -0.30 22.57 -26.86
N LEU B 62 -0.41 22.69 -28.17
CA LEU B 62 0.19 21.78 -29.10
C LEU B 62 1.60 21.67 -28.74
N LEU B 63 2.02 20.47 -28.34
CA LEU B 63 3.40 20.27 -27.98
C LEU B 63 4.19 19.64 -29.10
N SER B 64 3.54 18.88 -29.95
CA SER B 64 4.28 18.32 -31.07
C SER B 64 3.39 17.88 -32.20
N TRP B 65 3.98 17.81 -33.39
CA TRP B 65 3.26 17.42 -34.58
C TRP B 65 4.22 16.79 -35.59
N LYS B 66 3.79 15.65 -36.10
CA LYS B 66 4.67 14.84 -36.90
C LYS B 66 3.81 14.03 -37.85
N PRO B 67 3.69 14.54 -39.06
CA PRO B 67 3.00 13.76 -40.06
C PRO B 67 3.88 12.57 -40.48
N VAL B 68 3.19 11.44 -40.70
CA VAL B 68 3.78 10.17 -41.13
C VAL B 68 4.98 10.34 -42.13
N GLY B 69 6.12 9.79 -41.74
CA GLY B 69 7.29 9.71 -42.66
C GLY B 69 8.11 10.96 -42.58
N GLU B 70 7.81 11.80 -41.58
CA GLU B 70 8.52 13.03 -41.44
C GLU B 70 9.14 13.13 -40.08
N GLU B 71 10.10 14.02 -40.00
CA GLU B 71 10.76 14.31 -38.81
C GLU B 71 9.82 15.22 -38.06
N GLU B 72 9.93 15.19 -36.74
CA GLU B 72 9.17 16.05 -35.83
C GLU B 72 9.27 17.47 -36.31
N VAL B 73 8.11 18.08 -36.54
CA VAL B 73 8.10 19.44 -37.08
C VAL B 73 8.22 20.46 -35.95
N LEU B 74 7.54 20.19 -34.83
CA LEU B 74 7.63 21.10 -33.68
C LEU B 74 8.71 20.72 -32.70
N TRP B 75 9.37 21.70 -32.12
CA TRP B 75 10.36 21.46 -31.13
C TRP B 75 9.85 21.56 -29.70
N LEU B 76 10.22 20.62 -28.82
CA LEU B 76 9.86 20.70 -27.39
C LEU B 76 11.11 20.67 -26.47
N SER B 77 11.16 21.54 -25.49
CA SER B 77 12.33 21.53 -24.59
C SER B 77 12.49 20.23 -23.82
N ASN B 78 13.69 19.64 -23.83
CA ASN B 78 13.90 18.49 -23.00
C ASN B 78 14.00 18.85 -21.55
N ASN B 79 14.11 20.12 -21.20
CA ASN B 79 14.15 20.71 -19.84
C ASN B 79 12.92 21.42 -19.31
N THR B 80 11.85 21.46 -20.10
CA THR B 80 10.67 22.21 -19.70
C THR B 80 9.95 21.52 -18.55
N PRO B 81 9.45 22.28 -17.60
CA PRO B 81 8.66 21.51 -16.63
C PRO B 81 7.24 21.29 -17.14
N PHE B 82 6.52 20.37 -16.48
CA PHE B 82 5.10 20.10 -16.70
C PHE B 82 4.45 20.30 -15.35
N LYS B 83 4.20 21.55 -15.01
CA LYS B 83 3.79 21.96 -13.70
C LYS B 83 2.61 22.91 -13.80
N THR B 84 1.68 22.76 -12.88
CA THR B 84 0.57 23.65 -12.84
C THR B 84 0.94 25.13 -12.80
N GLY B 85 0.44 25.84 -13.82
CA GLY B 85 0.55 27.29 -13.95
C GLY B 85 1.73 27.76 -14.77
N VAL B 86 2.61 26.80 -15.08
CA VAL B 86 3.91 27.11 -15.65
C VAL B 86 3.87 26.85 -17.12
N ALA B 87 4.22 27.90 -17.88
CA ALA B 87 4.25 27.97 -19.30
C ALA B 87 5.20 26.91 -19.79
N LEU B 88 4.76 26.04 -20.67
CA LEU B 88 5.63 25.02 -21.19
C LEU B 88 6.51 25.67 -22.25
N ARG B 89 7.73 25.20 -22.40
CA ARG B 89 8.67 25.79 -23.32
C ARG B 89 8.88 24.96 -24.62
N GLY B 90 8.36 25.49 -25.76
CA GLY B 90 8.22 24.74 -27.00
C GLY B 90 6.76 24.58 -27.44
N GLY B 91 6.58 23.75 -28.47
CA GLY B 91 5.27 23.67 -29.07
C GLY B 91 4.84 25.01 -29.66
N VAL B 92 3.53 25.28 -29.62
CA VAL B 92 2.98 26.58 -29.99
C VAL B 92 2.25 27.21 -28.80
N PRO B 93 2.98 27.91 -27.93
CA PRO B 93 2.39 28.67 -26.87
C PRO B 93 1.42 29.71 -27.51
N ILE B 94 0.16 29.67 -27.08
CA ILE B 94 -0.84 30.70 -27.33
C ILE B 94 -0.60 31.89 -26.36
N CYS B 95 -0.09 32.99 -26.89
CA CYS B 95 0.15 34.19 -26.08
C CYS B 95 -1.07 35.10 -26.21
N TRP B 96 -1.81 35.29 -25.12
CA TRP B 96 -3.11 35.97 -25.21
C TRP B 96 -3.50 36.29 -23.77
N PRO B 97 -4.17 37.44 -23.54
CA PRO B 97 -4.60 38.42 -24.49
C PRO B 97 -3.62 39.62 -24.60
N TRP B 98 -2.36 39.41 -24.23
CA TRP B 98 -1.24 40.23 -24.78
C TRP B 98 -0.07 39.39 -25.18
N PHE B 99 0.75 40.02 -26.01
CA PHE B 99 2.00 39.50 -26.54
C PHE B 99 3.16 40.25 -25.96
N GLY B 100 4.16 39.50 -25.47
CA GLY B 100 5.40 40.12 -24.94
C GLY B 100 5.18 40.53 -23.52
N PRO B 101 6.10 41.34 -22.94
CA PRO B 101 6.04 41.68 -21.51
C PRO B 101 4.75 42.40 -21.21
N ALA B 102 4.18 42.11 -20.07
CA ALA B 102 2.98 42.82 -19.65
C ALA B 102 3.34 44.30 -19.41
N ALA B 103 2.47 45.20 -19.85
CA ALA B 103 2.47 46.59 -19.42
C ALA B 103 2.40 46.75 -17.91
N GLN B 104 1.67 45.92 -17.18
CA GLN B 104 1.57 46.13 -15.75
C GLN B 104 2.54 45.25 -14.99
N GLN B 105 3.58 45.88 -14.42
CA GLN B 105 4.71 45.11 -13.81
C GLN B 105 4.15 44.22 -12.73
N GLY B 106 4.81 43.12 -12.51
CA GLY B 106 4.11 42.11 -11.76
C GLY B 106 3.29 41.10 -12.55
N LEU B 107 2.76 41.49 -13.73
CA LEU B 107 2.15 40.46 -14.67
C LEU B 107 3.11 39.71 -15.65
N PRO B 108 2.70 38.48 -16.07
CA PRO B 108 3.58 37.63 -16.91
C PRO B 108 3.72 38.13 -18.37
N SER B 109 4.74 37.65 -19.07
CA SER B 109 4.82 37.88 -20.49
C SER B 109 3.83 36.93 -21.16
N HIS B 110 3.40 37.37 -22.35
CA HIS B 110 2.72 36.53 -23.31
C HIS B 110 1.33 36.11 -22.78
N GLY B 111 0.70 36.98 -21.98
CA GLY B 111 -0.71 36.81 -21.60
C GLY B 111 -0.87 35.82 -20.46
N PHE B 112 -2.01 35.15 -20.37
CA PHE B 112 -2.17 34.20 -19.31
C PHE B 112 -2.87 32.93 -19.82
N ALA B 113 -3.43 32.97 -21.04
CA ALA B 113 -4.08 31.76 -21.62
C ALA B 113 -3.25 30.48 -21.50
N ARG B 114 -1.94 30.63 -21.65
CA ARG B 114 -1.04 29.53 -21.70
C ARG B 114 -0.67 29.05 -20.29
N ASN B 115 -1.26 29.64 -19.26
CA ASN B 115 -1.09 29.17 -17.90
C ASN B 115 -2.37 28.45 -17.38
N LEU B 116 -3.51 28.48 -18.09
CA LEU B 116 -4.78 28.02 -17.49
C LEU B 116 -5.29 26.71 -18.07
N PRO B 117 -6.06 25.93 -17.31
CA PRO B 117 -6.47 24.70 -18.01
C PRO B 117 -7.50 25.09 -19.06
N TRP B 118 -7.33 24.60 -20.28
CA TRP B 118 -8.48 24.70 -21.19
C TRP B 118 -9.24 23.38 -21.20
N ALA B 119 -10.45 23.40 -21.72
CA ALA B 119 -11.23 22.22 -21.82
C ALA B 119 -11.23 21.77 -23.32
N LEU B 120 -11.36 20.46 -23.52
CA LEU B 120 -11.41 19.94 -24.88
C LEU B 120 -12.89 19.82 -25.05
N LYS B 121 -13.42 20.66 -25.93
CA LYS B 121 -14.87 20.76 -26.13
C LYS B 121 -15.40 19.89 -27.29
N ALA B 122 -14.63 19.71 -28.33
CA ALA B 122 -15.11 18.94 -29.47
C ALA B 122 -13.96 18.23 -30.14
N HIS B 123 -14.26 17.14 -30.84
CA HIS B 123 -13.15 16.60 -31.62
C HIS B 123 -13.76 15.68 -32.65
N ASN B 124 -13.10 15.51 -33.78
CA ASN B 124 -13.55 14.41 -34.56
C ASN B 124 -12.42 13.89 -35.38
N GLU B 125 -12.61 12.73 -35.96
CA GLU B 125 -11.50 12.11 -36.64
C GLU B 125 -11.86 11.38 -37.93
N ASP B 126 -10.87 11.29 -38.82
CA ASP B 126 -11.04 10.46 -40.02
C ASP B 126 -9.71 9.78 -40.41
N ASP B 127 -9.68 9.43 -41.70
CA ASP B 127 -8.59 8.67 -42.28
C ASP B 127 -7.41 9.61 -42.55
N ASN B 128 -7.70 10.92 -42.62
CA ASN B 128 -6.72 11.99 -42.80
C ASN B 128 -6.12 12.53 -41.49
N GLY B 129 -6.88 12.47 -40.43
CA GLY B 129 -6.44 13.05 -39.20
C GLY B 129 -7.56 13.33 -38.22
N VAL B 130 -7.33 14.36 -37.40
CA VAL B 130 -8.15 14.66 -36.23
C VAL B 130 -8.33 16.19 -36.13
N MET B 131 -9.56 16.61 -35.85
CA MET B 131 -9.81 17.98 -35.46
C MET B 131 -10.03 18.03 -33.95
N LEU B 132 -9.44 19.02 -33.32
CA LEU B 132 -9.68 19.25 -31.90
C LEU B 132 -10.01 20.70 -31.65
N THR B 133 -11.08 20.90 -30.85
CA THR B 133 -11.51 22.17 -30.29
C THR B 133 -11.33 22.27 -28.75
N PHE B 134 -10.48 23.25 -28.34
CA PHE B 134 -10.32 23.66 -26.95
C PHE B 134 -10.96 24.99 -26.67
N GLU B 135 -11.40 25.15 -25.43
CA GLU B 135 -12.14 26.38 -25.06
C GLU B 135 -11.73 26.81 -23.68
N LEU B 136 -11.68 28.13 -23.51
CA LEU B 136 -11.27 28.79 -22.32
C LEU B 136 -12.22 29.97 -22.12
N GLN B 137 -12.64 30.13 -20.88
CA GLN B 137 -13.62 31.13 -20.47
C GLN B 137 -13.14 31.95 -19.27
N SER B 138 -13.38 33.26 -19.34
CA SER B 138 -13.30 34.11 -18.13
C SER B 138 -14.00 33.48 -16.96
N SER B 139 -13.35 33.65 -15.84
CA SER B 139 -13.88 33.30 -14.56
C SER B 139 -13.65 34.49 -13.64
N GLU B 140 -14.34 34.45 -12.49
CA GLU B 140 -14.12 35.45 -11.44
C GLU B 140 -12.59 35.58 -11.10
N ALA B 141 -11.79 34.48 -11.18
CA ALA B 141 -10.35 34.59 -10.89
C ALA B 141 -9.65 35.38 -11.98
N THR B 142 -9.92 35.07 -13.25
CA THR B 142 -9.23 35.77 -14.36
C THR B 142 -9.52 37.28 -14.29
N ARG B 143 -10.79 37.64 -14.17
CA ARG B 143 -11.24 39.04 -14.06
C ARG B 143 -10.37 39.88 -13.07
N LYS B 144 -9.87 39.23 -12.01
CA LYS B 144 -9.07 39.95 -11.04
C LYS B 144 -7.84 40.61 -11.75
N TYR B 145 -7.23 39.94 -12.72
CA TYR B 145 -6.17 40.64 -13.39
C TYR B 145 -6.52 41.16 -14.78
N TRP B 146 -7.49 40.56 -15.46
CA TRP B 146 -7.89 40.98 -16.79
C TRP B 146 -9.44 40.99 -16.87
N PRO B 147 -10.05 42.13 -16.62
CA PRO B 147 -11.40 42.35 -16.20
C PRO B 147 -12.25 42.47 -17.39
N HIS B 148 -12.29 41.40 -18.14
CA HIS B 148 -13.24 41.21 -19.23
C HIS B 148 -13.72 39.73 -19.29
N ASP B 149 -14.95 39.56 -19.77
CA ASP B 149 -15.55 38.27 -20.05
C ASP B 149 -15.13 37.83 -21.44
N PHE B 150 -14.91 36.53 -21.64
CA PHE B 150 -14.50 36.04 -22.95
C PHE B 150 -14.70 34.56 -23.10
N THR B 151 -14.71 34.14 -24.37
CA THR B 151 -14.59 32.75 -24.72
C THR B 151 -13.53 32.55 -25.82
N LEU B 152 -12.47 31.82 -25.47
CA LEU B 152 -11.31 31.64 -26.37
C LEU B 152 -11.43 30.28 -26.98
N LEU B 153 -11.47 30.14 -28.30
CA LEU B 153 -11.42 28.81 -28.91
C LEU B 153 -10.09 28.68 -29.60
N ALA B 154 -9.61 27.46 -29.65
CA ALA B 154 -8.39 27.13 -30.33
C ALA B 154 -8.77 25.86 -31.06
N ARG B 155 -8.92 25.97 -32.37
CA ARG B 155 -9.25 24.79 -33.17
C ARG B 155 -8.00 24.26 -33.86
N PHE B 156 -7.82 22.94 -33.89
CA PHE B 156 -6.65 22.39 -34.59
C PHE B 156 -7.11 21.38 -35.59
N LYS B 157 -6.49 21.32 -36.75
CA LYS B 157 -6.63 20.07 -37.52
C LYS B 157 -5.25 19.53 -37.79
N VAL B 158 -5.02 18.30 -37.38
CA VAL B 158 -3.67 17.68 -37.45
C VAL B 158 -3.76 16.44 -38.35
N GLY B 159 -2.93 16.50 -39.40
CA GLY B 159 -2.87 15.46 -40.41
C GLY B 159 -1.58 15.61 -41.18
N LYS B 160 -1.68 15.66 -42.53
CA LYS B 160 -0.45 15.82 -43.37
C LYS B 160 -0.09 17.28 -43.26
N THR B 161 -1.05 18.12 -42.87
CA THR B 161 -0.72 19.49 -42.48
C THR B 161 -1.23 19.77 -41.03
N CYS B 162 -0.99 20.98 -40.52
CA CYS B 162 -1.46 21.35 -39.21
C CYS B 162 -2.04 22.77 -39.24
N GLU B 163 -3.27 22.88 -38.84
CA GLU B 163 -4.01 24.08 -38.93
C GLU B 163 -4.34 24.47 -37.51
N ILE B 164 -4.02 25.68 -37.21
CA ILE B 164 -4.26 26.24 -35.87
C ILE B 164 -5.05 27.51 -36.01
N GLU B 165 -6.18 27.52 -35.35
CA GLU B 165 -7.01 28.70 -35.33
C GLU B 165 -7.47 29.18 -33.96
N LEU B 166 -7.11 30.42 -33.63
CA LEU B 166 -7.61 31.15 -32.47
C LEU B 166 -8.83 32.01 -32.84
N GLU B 167 -9.88 31.98 -32.02
CA GLU B 167 -11.08 32.79 -32.20
C GLU B 167 -11.40 33.24 -30.80
N ALA B 168 -11.30 34.55 -30.57
CA ALA B 168 -11.70 35.17 -29.26
C ALA B 168 -13.08 35.88 -29.29
N HIS B 169 -14.00 35.53 -28.39
CA HIS B 169 -15.30 36.20 -28.27
C HIS B 169 -15.42 37.07 -27.03
N GLY B 170 -15.86 38.31 -27.29
CA GLY B 170 -16.15 39.34 -26.30
C GLY B 170 -16.14 40.76 -26.90
N GLU B 171 -15.85 41.73 -26.07
CA GLU B 171 -15.83 43.08 -26.49
C GLU B 171 -14.53 43.59 -25.86
N PHE B 172 -13.47 43.64 -26.66
CA PHE B 172 -12.17 44.07 -26.11
C PHE B 172 -11.06 44.24 -27.15
N ALA B 173 -9.96 44.78 -26.66
CA ALA B 173 -8.73 45.02 -27.40
C ALA B 173 -7.68 44.00 -26.95
N THR B 174 -7.05 43.31 -27.91
CA THR B 174 -5.95 42.39 -27.52
C THR B 174 -4.66 42.60 -28.24
N THR B 175 -3.64 41.89 -27.72
CA THR B 175 -2.50 41.57 -28.51
C THR B 175 -2.15 40.07 -28.37
N SER B 176 -1.74 39.38 -29.46
CA SER B 176 -1.49 37.92 -29.44
C SER B 176 -0.48 37.30 -30.41
N ALA B 177 -0.23 36.00 -30.22
CA ALA B 177 0.73 35.26 -31.07
C ALA B 177 0.44 33.80 -31.04
N LEU B 178 0.72 33.12 -32.11
CA LEU B 178 0.91 31.67 -32.04
C LEU B 178 2.44 31.51 -32.15
N HIS B 179 3.03 31.12 -31.02
CA HIS B 179 4.46 31.27 -30.81
C HIS B 179 5.27 30.04 -31.30
N SER B 180 5.14 29.66 -32.54
CA SER B 180 5.58 28.31 -32.91
C SER B 180 7.09 28.05 -32.85
N TYR B 181 7.48 27.00 -32.16
CA TYR B 181 8.89 26.54 -32.12
C TYR B 181 9.04 25.46 -33.17
N PHE B 182 9.76 25.72 -34.25
CA PHE B 182 10.00 24.65 -35.28
C PHE B 182 11.32 23.92 -35.10
N ASN B 183 11.27 22.59 -35.17
CA ASN B 183 12.41 21.71 -35.10
C ASN B 183 13.31 21.84 -36.32
N VAL B 184 14.58 22.07 -36.15
CA VAL B 184 15.51 22.20 -37.29
C VAL B 184 16.74 21.41 -36.93
N GLY B 185 17.43 20.90 -37.95
CA GLY B 185 18.57 20.04 -37.73
C GLY B 185 19.71 20.81 -37.14
N ASP B 186 19.98 22.02 -37.62
CA ASP B 186 21.11 22.82 -37.10
C ASP B 186 20.78 24.28 -37.41
N ILE B 187 20.65 25.10 -36.39
CA ILE B 187 20.38 26.53 -36.59
C ILE B 187 21.31 27.30 -37.55
N ALA B 188 22.55 26.85 -37.58
CA ALA B 188 23.45 27.47 -38.52
C ALA B 188 23.04 27.17 -39.96
N ASN B 189 22.23 26.15 -40.19
CA ASN B 189 21.95 25.81 -41.54
C ASN B 189 20.63 26.26 -42.00
N VAL B 190 20.14 27.27 -41.30
CA VAL B 190 18.73 27.73 -41.49
C VAL B 190 18.54 29.14 -42.08
N LYS B 191 17.78 29.27 -43.17
CA LYS B 191 17.32 30.61 -43.48
C LYS B 191 15.84 30.56 -43.43
N VAL B 192 15.25 31.71 -43.15
CA VAL B 192 13.79 31.88 -43.13
C VAL B 192 13.46 32.94 -44.09
N SER B 193 12.70 32.56 -45.10
CA SER B 193 12.34 33.50 -46.18
C SER B 193 10.93 33.88 -46.02
N GLY B 194 10.58 34.91 -46.78
CA GLY B 194 9.22 35.36 -46.95
C GLY B 194 8.95 36.48 -46.02
N LEU B 195 9.98 37.01 -45.37
CA LEU B 195 9.70 37.91 -44.21
C LEU B 195 9.55 39.37 -44.47
N GLY B 196 9.72 39.79 -45.69
CA GLY B 196 9.36 41.15 -46.07
C GLY B 196 10.55 42.02 -46.18
N ASP B 197 10.35 43.31 -45.90
CA ASP B 197 11.44 44.28 -45.90
C ASP B 197 11.70 44.76 -44.47
N ARG B 198 10.83 45.65 -43.96
CA ARG B 198 11.05 46.30 -42.64
C ARG B 198 10.89 45.35 -41.44
N PHE B 199 11.69 45.56 -40.40
CA PHE B 199 11.52 44.76 -39.17
C PHE B 199 11.98 45.59 -38.00
N ILE B 200 11.51 45.28 -36.80
CA ILE B 200 12.06 45.93 -35.65
C ILE B 200 12.92 44.94 -34.88
N ASP B 201 14.10 45.40 -34.50
CA ASP B 201 15.04 44.57 -33.88
C ASP B 201 15.10 44.73 -32.35
N LYS B 202 14.42 43.82 -31.66
CA LYS B 202 14.34 43.76 -30.17
C LYS B 202 15.67 43.57 -29.44
N VAL B 203 16.63 42.88 -30.04
CA VAL B 203 17.91 42.65 -29.40
C VAL B 203 18.65 43.97 -29.43
N ASN B 204 18.46 44.74 -30.52
CA ASN B 204 19.22 45.97 -30.81
C ASN B 204 18.39 47.27 -30.74
N ASP B 205 17.90 47.57 -29.53
CA ASP B 205 17.36 48.88 -29.15
C ASP B 205 16.14 49.26 -29.94
N ALA B 206 15.46 48.23 -30.41
CA ALA B 206 14.33 48.40 -31.24
C ALA B 206 14.68 49.17 -32.55
N LYS B 207 15.95 49.13 -32.97
CA LYS B 207 16.41 49.82 -34.19
C LYS B 207 15.57 49.32 -35.37
N GLU B 208 15.19 50.19 -36.28
CA GLU B 208 14.49 49.68 -37.44
C GLU B 208 15.44 49.36 -38.59
N GLY B 209 15.25 48.16 -39.18
CA GLY B 209 16.08 47.63 -40.24
C GLY B 209 15.40 47.07 -41.45
N VAL B 210 16.16 46.78 -42.49
CA VAL B 210 15.51 46.53 -43.79
C VAL B 210 16.11 45.33 -44.53
N LEU B 211 15.32 44.27 -44.69
CA LEU B 211 15.68 43.15 -45.56
C LEU B 211 15.36 43.55 -47.01
N THR B 212 16.14 43.05 -47.98
CA THR B 212 16.03 43.43 -49.41
C THR B 212 15.63 42.13 -50.13
N ASP B 213 15.49 41.07 -49.36
CA ASP B 213 15.07 39.80 -49.90
C ASP B 213 14.21 38.92 -48.98
N GLY B 214 13.64 39.46 -47.88
CA GLY B 214 12.73 38.70 -47.03
C GLY B 214 13.34 37.54 -46.33
N ILE B 215 14.68 37.47 -46.34
CA ILE B 215 15.45 36.32 -45.81
C ILE B 215 16.29 36.66 -44.60
N GLN B 216 16.00 35.93 -43.50
CA GLN B 216 16.68 36.05 -42.20
C GLN B 216 17.47 34.84 -41.78
N THR B 217 18.68 35.08 -41.26
CA THR B 217 19.45 33.99 -40.68
C THR B 217 19.59 34.22 -39.17
N PHE B 218 20.12 33.20 -38.48
CA PHE B 218 20.06 33.19 -37.04
C PHE B 218 21.41 32.75 -36.46
N PRO B 219 22.46 33.55 -36.72
CA PRO B 219 23.82 33.20 -36.28
C PRO B 219 23.98 33.30 -34.79
N ASP B 220 23.01 33.89 -34.11
CA ASP B 220 23.17 34.22 -32.72
C ASP B 220 21.86 34.78 -32.28
N ARG B 221 21.75 35.17 -31.02
CA ARG B 221 20.46 35.70 -30.54
C ARG B 221 19.78 36.67 -31.53
N THR B 222 18.54 36.42 -31.94
CA THR B 222 17.88 37.16 -33.03
C THR B 222 16.45 37.32 -32.65
N ASP B 223 15.91 38.54 -32.71
CA ASP B 223 14.53 38.79 -32.19
C ASP B 223 13.88 40.00 -32.90
N ARG B 224 12.93 39.72 -33.82
CA ARG B 224 12.52 40.62 -34.80
C ARG B 224 11.04 40.51 -35.10
N VAL B 225 10.48 41.68 -35.29
CA VAL B 225 9.09 41.86 -35.62
C VAL B 225 9.05 42.39 -37.02
N TYR B 226 8.49 41.63 -37.93
CA TYR B 226 8.58 42.05 -39.36
C TYR B 226 7.31 42.81 -39.70
N LEU B 227 7.35 44.09 -40.11
CA LEU B 227 6.12 44.88 -40.26
C LEU B 227 5.32 44.57 -41.48
N ASN B 228 5.91 43.74 -42.30
CA ASN B 228 5.51 43.63 -43.71
C ASN B 228 5.78 42.30 -44.39
N PRO B 229 5.46 41.19 -43.72
CA PRO B 229 5.83 39.87 -44.27
C PRO B 229 4.85 39.35 -45.32
N GLU B 230 5.32 38.43 -46.11
CA GLU B 230 4.45 37.74 -47.03
C GLU B 230 3.57 36.84 -46.19
N ALA B 231 2.52 36.30 -46.76
CA ALA B 231 1.56 35.59 -46.00
C ALA B 231 2.14 34.22 -45.60
N CYS B 232 3.19 33.82 -46.31
CA CYS B 232 3.76 32.53 -46.10
C CYS B 232 5.24 32.68 -45.83
N SER B 233 5.69 32.33 -44.62
CA SER B 233 7.11 32.18 -44.32
C SER B 233 7.61 30.77 -44.64
N VAL B 234 8.85 30.70 -45.14
CA VAL B 234 9.49 29.40 -45.41
C VAL B 234 10.78 29.21 -44.60
N ILE B 235 10.79 28.24 -43.73
CA ILE B 235 11.98 27.89 -43.03
C ILE B 235 12.72 26.90 -43.97
N HIS B 236 13.99 27.15 -44.29
CA HIS B 236 14.77 26.28 -45.19
C HIS B 236 15.77 25.58 -44.29
N ASP B 237 15.62 24.26 -44.17
CA ASP B 237 16.48 23.47 -43.31
C ASP B 237 17.45 22.64 -44.18
N ALA B 238 18.69 23.08 -44.20
CA ALA B 238 19.62 22.47 -45.12
C ALA B 238 20.14 21.19 -44.51
N THR B 239 20.07 21.05 -43.17
CA THR B 239 20.51 19.84 -42.48
C THR B 239 19.48 18.74 -42.45
N LEU B 240 18.20 19.07 -42.42
CA LEU B 240 17.20 17.99 -42.50
C LEU B 240 16.70 17.84 -43.93
N ASN B 241 17.40 18.50 -44.88
CA ASN B 241 16.97 18.53 -46.29
C ASN B 241 15.44 18.60 -46.39
N ARG B 242 14.92 19.69 -45.83
CA ARG B 242 13.50 19.92 -45.81
C ARG B 242 13.20 21.37 -45.68
N THR B 243 11.93 21.67 -45.93
CA THR B 243 11.40 23.01 -45.98
C THR B 243 10.10 23.02 -45.14
N ILE B 244 9.89 24.02 -44.28
CA ILE B 244 8.59 24.16 -43.59
C ILE B 244 7.84 25.39 -44.13
N ASP B 245 6.58 25.22 -44.54
CA ASP B 245 5.78 26.40 -44.91
C ASP B 245 4.95 26.84 -43.75
N VAL B 246 5.09 28.10 -43.38
CA VAL B 246 4.34 28.62 -42.28
C VAL B 246 3.40 29.71 -42.78
N VAL B 247 2.10 29.40 -42.90
CA VAL B 247 1.12 30.32 -43.52
C VAL B 247 0.34 31.13 -42.50
N HIS B 248 0.35 32.45 -42.61
CA HIS B 248 -0.28 33.31 -41.62
C HIS B 248 -1.58 33.87 -42.09
N HIS B 249 -2.56 33.89 -41.19
CA HIS B 249 -3.90 34.38 -41.46
C HIS B 249 -4.37 35.22 -40.31
N HIS B 250 -5.01 36.36 -40.66
CA HIS B 250 -5.58 37.39 -39.70
C HIS B 250 -4.62 38.23 -38.88
N HIS B 251 -3.33 37.98 -39.11
CA HIS B 251 -2.21 38.50 -38.34
C HIS B 251 -1.86 39.92 -38.79
N LEU B 252 -1.10 40.68 -37.98
CA LEU B 252 -0.52 41.90 -38.46
C LEU B 252 0.96 41.73 -38.72
N ASN B 253 1.63 41.03 -37.81
CA ASN B 253 3.08 40.82 -37.88
C ASN B 253 3.51 39.35 -38.00
N VAL B 254 4.78 39.12 -38.29
CA VAL B 254 5.40 37.83 -38.03
C VAL B 254 6.65 38.19 -37.20
N VAL B 255 7.03 37.28 -36.33
CA VAL B 255 8.21 37.44 -35.44
C VAL B 255 9.09 36.19 -35.65
N GLY B 256 10.36 36.42 -35.94
CA GLY B 256 11.30 35.34 -35.96
C GLY B 256 12.15 35.41 -34.72
N TRP B 257 12.39 34.26 -34.09
CA TRP B 257 13.20 34.26 -32.87
C TRP B 257 14.08 33.02 -32.66
N ASN B 258 15.31 33.30 -32.29
CA ASN B 258 16.19 32.34 -31.74
C ASN B 258 17.07 32.96 -30.62
N PRO B 259 17.09 32.35 -29.44
CA PRO B 259 17.72 33.02 -28.30
C PRO B 259 19.21 32.98 -28.36
N GLY B 260 19.76 32.11 -29.19
CA GLY B 260 21.23 31.87 -29.15
C GLY B 260 21.82 31.36 -27.83
N PRO B 261 23.15 31.17 -27.80
CA PRO B 261 23.68 30.32 -26.72
C PRO B 261 23.53 30.89 -25.28
N ALA B 262 23.83 32.18 -25.09
CA ALA B 262 23.85 32.67 -23.70
C ALA B 262 22.51 32.47 -23.02
N LEU B 263 21.45 32.72 -23.75
CA LEU B 263 20.12 32.59 -23.18
C LEU B 263 19.63 31.17 -23.07
N SER B 264 20.07 30.34 -24.00
CA SER B 264 19.73 28.95 -23.95
C SER B 264 20.26 28.33 -22.61
N VAL B 265 21.54 28.63 -22.31
CA VAL B 265 22.15 28.28 -21.03
C VAL B 265 21.23 28.85 -19.98
N SER B 266 21.02 30.15 -19.98
CA SER B 266 20.53 30.74 -18.79
C SER B 266 19.08 30.47 -18.50
N MET B 267 18.29 30.39 -19.54
CA MET B 267 16.91 29.91 -19.41
C MET B 267 16.87 28.51 -18.76
N GLY B 268 16.05 28.47 -17.73
CA GLY B 268 15.93 27.33 -16.85
C GLY B 268 15.16 26.20 -17.51
N ASP B 269 14.27 26.57 -18.44
CA ASP B 269 13.40 25.59 -19.10
C ASP B 269 13.89 25.09 -20.43
N MET B 270 15.15 25.42 -20.73
CA MET B 270 15.78 25.08 -22.01
C MET B 270 17.19 24.51 -21.80
N PRO B 271 17.52 23.39 -22.48
CA PRO B 271 18.91 22.89 -22.35
C PRO B 271 19.82 23.97 -22.90
N ASP B 272 21.14 23.86 -22.63
CA ASP B 272 22.09 24.93 -22.94
C ASP B 272 22.27 24.92 -24.44
N ASP B 273 22.05 23.74 -25.00
CA ASP B 273 22.04 23.36 -26.44
C ASP B 273 20.76 23.73 -27.22
N GLY B 274 19.70 24.13 -26.51
CA GLY B 274 18.32 24.12 -27.06
C GLY B 274 18.30 24.90 -28.34
N TYR B 275 19.03 26.00 -28.28
CA TYR B 275 18.87 26.93 -29.31
C TYR B 275 19.31 26.39 -30.61
N LYS B 276 20.09 25.32 -30.63
CA LYS B 276 20.55 24.87 -31.95
C LYS B 276 19.57 24.06 -32.76
N THR B 277 18.50 23.55 -32.16
CA THR B 277 17.55 22.74 -32.97
C THR B 277 16.12 23.38 -33.18
N PHE B 278 15.98 24.69 -32.95
CA PHE B 278 14.75 25.35 -33.29
C PHE B 278 14.95 26.76 -33.71
N VAL B 279 13.94 27.23 -34.46
CA VAL B 279 13.72 28.65 -34.76
C VAL B 279 12.25 28.96 -34.58
N CYS B 280 11.90 30.09 -33.97
CA CYS B 280 10.51 30.43 -33.81
C CYS B 280 10.04 31.33 -34.94
N VAL B 281 8.96 30.94 -35.64
CA VAL B 281 8.35 31.79 -36.69
C VAL B 281 6.93 31.91 -36.18
N GLU B 282 6.57 33.10 -35.71
CA GLU B 282 5.40 33.27 -34.90
C GLU B 282 4.37 34.08 -35.64
N THR B 283 3.11 33.69 -35.55
CA THR B 283 2.07 34.44 -36.18
C THR B 283 1.54 35.39 -35.12
N VAL B 284 1.69 36.66 -35.39
CA VAL B 284 1.56 37.65 -34.36
C VAL B 284 0.64 38.83 -34.69
N TYR B 285 0.13 39.46 -33.64
CA TYR B 285 -0.68 40.66 -33.80
C TYR B 285 -0.38 41.57 -32.61
N ALA B 286 0.51 42.55 -32.82
CA ALA B 286 1.21 43.24 -31.76
C ALA B 286 1.52 44.70 -31.98
N THR B 287 1.78 45.15 -33.21
CA THR B 287 2.17 46.54 -33.37
C THR B 287 0.97 47.49 -33.38
N ALA B 288 -0.23 46.93 -33.58
CA ALA B 288 -1.53 47.58 -33.28
C ALA B 288 -2.46 46.59 -32.49
N PRO B 289 -3.39 47.09 -31.59
CA PRO B 289 -4.33 46.17 -30.93
C PRO B 289 -5.38 45.63 -31.89
N GLN B 290 -5.79 44.41 -31.66
CA GLN B 290 -6.81 43.79 -32.47
C GLN B 290 -8.09 43.95 -31.66
N GLN B 291 -9.15 44.40 -32.28
CA GLN B 291 -10.38 44.58 -31.56
C GLN B 291 -11.32 43.38 -31.78
N ALA B 292 -11.98 42.94 -30.74
CA ALA B 292 -13.08 41.97 -30.92
C ALA B 292 -14.42 42.56 -30.47
N THR B 293 -15.50 42.19 -31.17
CA THR B 293 -16.91 42.61 -30.85
C THR B 293 -17.78 41.37 -30.60
N GLU B 294 -18.98 41.50 -30.03
CA GLU B 294 -19.82 40.30 -29.83
C GLU B 294 -20.21 39.75 -31.26
N GLU B 295 -20.43 40.70 -32.18
CA GLU B 295 -20.66 40.38 -33.62
C GLU B 295 -19.35 39.83 -34.29
N LYS B 296 -18.22 40.55 -34.10
CA LYS B 296 -16.92 40.16 -34.75
C LYS B 296 -15.82 39.85 -33.71
N PRO B 297 -15.66 38.54 -33.46
CA PRO B 297 -14.57 37.90 -32.66
C PRO B 297 -13.24 38.20 -33.36
N SER B 298 -12.17 38.35 -32.61
CA SER B 298 -10.86 38.39 -33.18
C SER B 298 -10.28 36.98 -33.41
N ARG B 299 -9.60 36.83 -34.54
CA ARG B 299 -9.07 35.56 -35.04
C ARG B 299 -7.55 35.60 -35.28
N LEU B 300 -6.91 34.45 -35.18
CA LEU B 300 -5.49 34.36 -35.52
C LEU B 300 -5.21 32.93 -35.98
N ALA B 301 -4.46 32.75 -37.05
CA ALA B 301 -4.39 31.40 -37.54
C ALA B 301 -3.02 31.18 -38.15
N GLN B 302 -2.61 29.90 -38.20
CA GLN B 302 -1.34 29.53 -38.76
C GLN B 302 -1.51 28.16 -39.33
N THR B 303 -0.91 27.98 -40.48
CA THR B 303 -1.02 26.70 -41.16
C THR B 303 0.37 26.28 -41.48
N ILE B 304 0.65 25.01 -41.23
CA ILE B 304 1.98 24.46 -41.34
C ILE B 304 2.07 23.24 -42.32
N CYS B 305 2.92 23.34 -43.34
CA CYS B 305 3.21 22.23 -44.34
C CYS B 305 4.64 21.86 -44.31
N VAL B 306 4.90 20.62 -44.59
CA VAL B 306 6.25 20.15 -44.65
C VAL B 306 6.45 19.41 -45.95
N ALA B 307 7.58 19.72 -46.58
CA ALA B 307 8.05 19.02 -47.74
C ALA B 307 9.58 18.78 -47.63
N LYS B 308 9.99 17.51 -47.81
CA LYS B 308 11.40 17.11 -47.81
C LYS B 308 12.17 17.75 -49.02
N ARG B 309 13.42 18.13 -48.76
CA ARG B 309 14.40 18.47 -49.82
C ARG B 309 13.93 19.65 -50.65
N HIS C 15 -4.51 -24.14 33.78
CA HIS C 15 -3.72 -23.67 35.00
C HIS C 15 -2.14 -23.83 34.86
N MET C 16 -1.69 -24.66 33.91
CA MET C 16 -0.57 -24.38 33.03
C MET C 16 -0.95 -23.09 32.25
N ILE C 17 -2.24 -22.86 32.04
CA ILE C 17 -2.69 -21.61 31.44
C ILE C 17 -2.12 -20.39 32.21
N ASN C 18 -2.28 -20.40 33.51
CA ASN C 18 -1.87 -19.27 34.32
C ASN C 18 -0.39 -19.01 34.19
N LYS C 19 0.35 -20.11 34.12
CA LYS C 19 1.75 -20.09 33.86
C LYS C 19 2.01 -19.36 32.55
N ILE C 20 1.28 -19.67 31.48
CA ILE C 20 1.39 -18.90 30.24
C ILE C 20 1.20 -17.35 30.40
N PHE C 21 0.10 -16.95 30.98
CA PHE C 21 -0.22 -15.53 31.15
C PHE C 21 0.71 -14.81 32.14
N ALA C 22 1.56 -15.55 32.88
CA ALA C 22 2.49 -14.92 33.82
C ALA C 22 3.81 -14.78 33.16
N LEU C 23 3.97 -15.36 31.97
CA LEU C 23 5.21 -15.24 31.23
C LEU C 23 5.53 -13.76 30.91
N PRO C 24 6.82 -13.37 31.01
CA PRO C 24 7.15 -12.01 30.61
C PRO C 24 6.96 -11.82 29.14
N VAL C 25 6.66 -10.60 28.76
CA VAL C 25 6.54 -10.22 27.40
C VAL C 25 7.88 -10.01 26.73
N ILE C 26 8.02 -10.52 25.49
CA ILE C 26 9.23 -10.38 24.73
C ILE C 26 9.08 -9.45 23.57
N GLU C 27 7.98 -9.59 22.84
CA GLU C 27 7.51 -8.48 21.98
C GLU C 27 6.11 -8.00 22.39
N GLN C 28 5.87 -6.70 22.39
CA GLN C 28 4.50 -6.20 22.54
C GLN C 28 4.02 -5.98 21.13
N LEU C 29 3.25 -6.88 20.52
CA LEU C 29 2.88 -6.58 19.16
C LEU C 29 1.82 -5.43 19.06
N THR C 30 0.87 -5.44 19.97
CA THR C 30 -0.16 -4.39 20.09
C THR C 30 -0.49 -4.26 21.57
N PRO C 31 -1.46 -3.45 21.92
CA PRO C 31 -1.72 -3.49 23.38
C PRO C 31 -2.11 -4.85 23.95
N VAL C 32 -2.47 -5.80 23.08
CA VAL C 32 -3.25 -6.91 23.51
C VAL C 32 -2.55 -8.21 23.17
N LEU C 33 -1.67 -8.11 22.18
CA LEU C 33 -1.04 -9.22 21.54
C LEU C 33 0.47 -9.13 21.83
N SER C 34 1.00 -10.23 22.29
CA SER C 34 2.37 -10.24 22.57
C SER C 34 2.87 -11.58 22.25
N ARG C 35 4.17 -11.64 22.12
CA ARG C 35 4.85 -12.89 21.97
C ARG C 35 5.68 -13.25 23.26
N ARG C 36 5.57 -14.46 23.80
CA ARG C 36 6.24 -14.85 25.06
C ARG C 36 6.85 -16.21 24.78
N GLN C 37 7.39 -16.86 25.80
CA GLN C 37 8.11 -18.06 25.58
C GLN C 37 8.00 -18.97 26.77
N LEU C 38 7.64 -20.22 26.50
CA LEU C 38 7.66 -21.29 27.52
C LEU C 38 8.64 -22.44 27.12
N ASP C 39 9.67 -22.64 27.91
CA ASP C 39 10.77 -23.47 27.48
C ASP C 39 11.11 -23.20 26.04
N ASP C 40 11.04 -24.25 25.23
CA ASP C 40 11.29 -24.20 23.82
C ASP C 40 10.33 -23.40 23.03
N LEU C 41 9.05 -23.31 23.40
CA LEU C 41 8.10 -22.77 22.42
C LEU C 41 7.76 -21.29 22.51
N ASP C 42 7.84 -20.59 21.37
CA ASP C 42 7.32 -19.22 21.19
C ASP C 42 5.79 -19.21 21.22
N LEU C 43 5.24 -18.25 21.97
CA LEU C 43 3.79 -18.22 22.13
C LEU C 43 3.19 -16.92 21.62
N ILE C 44 1.93 -16.94 21.22
CA ILE C 44 1.29 -15.70 20.91
C ILE C 44 0.21 -15.66 21.89
N VAL C 45 0.04 -14.51 22.55
CA VAL C 45 -0.86 -14.37 23.70
C VAL C 45 -1.67 -13.10 23.53
N VAL C 46 -2.95 -13.30 23.77
CA VAL C 46 -4.01 -12.33 23.60
C VAL C 46 -4.54 -12.08 25.04
N ASP C 47 -4.35 -10.85 25.53
CA ASP C 47 -4.88 -10.41 26.80
C ASP C 47 -5.62 -9.17 26.40
N HIS C 48 -6.95 -9.26 26.31
CA HIS C 48 -7.80 -8.24 25.68
C HIS C 48 -8.98 -8.06 26.59
N PRO C 49 -9.50 -6.83 26.68
CA PRO C 49 -10.67 -6.64 27.65
C PRO C 49 -11.74 -7.77 27.66
N GLN C 50 -12.20 -8.18 26.46
CA GLN C 50 -13.17 -9.29 26.32
C GLN C 50 -12.74 -10.79 26.28
N VAL C 51 -11.47 -11.10 26.03
CA VAL C 51 -11.03 -12.44 25.83
C VAL C 51 -9.61 -12.58 26.25
N LYS C 52 -9.29 -13.65 26.99
CA LYS C 52 -7.93 -14.17 27.12
C LYS C 52 -7.75 -15.47 26.26
N ALA C 53 -6.68 -15.54 25.45
CA ALA C 53 -6.37 -16.74 24.62
C ALA C 53 -4.87 -16.84 24.35
N SER C 54 -4.36 -18.03 24.00
CA SER C 54 -2.95 -18.17 23.76
C SER C 54 -2.69 -19.20 22.70
N PHE C 55 -1.57 -19.04 22.01
CA PHE C 55 -1.23 -19.88 20.92
C PHE C 55 0.26 -20.31 20.92
N ALA C 56 0.59 -21.54 20.55
CA ALA C 56 1.99 -21.86 20.12
C ALA C 56 2.22 -21.71 18.62
N LEU C 57 3.28 -21.04 18.22
CA LEU C 57 3.56 -20.94 16.81
C LEU C 57 3.74 -22.34 16.28
N GLN C 58 4.25 -23.22 17.13
CA GLN C 58 4.45 -24.52 16.67
C GLN C 58 3.04 -25.11 16.50
N GLY C 59 2.63 -25.55 15.30
CA GLY C 59 1.35 -26.17 15.22
C GLY C 59 0.19 -25.18 15.08
N ALA C 60 0.48 -23.87 15.07
CA ALA C 60 -0.58 -22.83 15.09
C ALA C 60 -1.62 -23.26 16.11
N HIS C 61 -1.11 -23.59 17.28
CA HIS C 61 -1.86 -24.30 18.21
C HIS C 61 -2.59 -23.41 19.21
N LEU C 62 -3.89 -23.33 19.02
CA LEU C 62 -4.68 -22.68 20.04
C LEU C 62 -4.61 -23.46 21.36
N LEU C 63 -4.08 -22.81 22.39
CA LEU C 63 -3.96 -23.48 23.65
C LEU C 63 -5.08 -23.14 24.56
N SER C 64 -5.59 -21.92 24.46
CA SER C 64 -6.60 -21.51 25.46
C SER C 64 -7.55 -20.43 25.01
N TRP C 65 -8.78 -20.48 25.54
CA TRP C 65 -9.70 -19.45 25.24
C TRP C 65 -10.67 -19.26 26.40
N LYS C 66 -10.78 -18.01 26.78
CA LYS C 66 -11.60 -17.56 27.92
C LYS C 66 -12.08 -16.16 27.69
N PRO C 67 -13.32 -16.05 27.16
CA PRO C 67 -14.10 -14.82 26.96
C PRO C 67 -14.36 -14.26 28.37
N VAL C 68 -14.40 -12.95 28.47
CA VAL C 68 -14.55 -12.31 29.76
C VAL C 68 -15.79 -12.87 30.46
N GLY C 69 -15.61 -13.18 31.73
CA GLY C 69 -16.73 -13.60 32.50
C GLY C 69 -17.05 -15.06 32.47
N GLU C 70 -16.23 -15.89 31.79
CA GLU C 70 -16.51 -17.34 31.77
C GLU C 70 -15.38 -18.10 32.34
N GLU C 71 -15.55 -19.37 32.60
CA GLU C 71 -14.42 -20.26 32.79
C GLU C 71 -13.73 -20.54 31.49
N GLU C 72 -12.56 -21.13 31.60
CA GLU C 72 -11.71 -21.41 30.45
C GLU C 72 -12.50 -22.36 29.56
N VAL C 73 -12.48 -22.11 28.25
CA VAL C 73 -13.35 -22.94 27.46
C VAL C 73 -12.52 -24.11 27.03
N LEU C 74 -11.23 -23.89 26.89
CA LEU C 74 -10.35 -24.97 26.41
C LEU C 74 -9.53 -25.63 27.52
N TRP C 75 -9.34 -26.94 27.38
CA TRP C 75 -8.52 -27.65 28.34
C TRP C 75 -7.10 -27.85 27.81
N LEU C 76 -6.13 -27.66 28.73
CA LEU C 76 -4.74 -27.78 28.47
C LEU C 76 -4.09 -28.59 29.58
N SER C 77 -3.43 -29.70 29.26
CA SER C 77 -2.69 -30.50 30.23
C SER C 77 -1.61 -29.83 31.08
N ASN C 78 -1.74 -29.94 32.39
CA ASN C 78 -0.75 -29.42 33.31
C ASN C 78 0.56 -30.17 33.22
N ASN C 79 0.71 -31.16 32.36
CA ASN C 79 2.05 -31.72 32.25
C ASN C 79 2.53 -31.94 30.83
N THR C 80 1.92 -31.21 29.94
CA THR C 80 2.37 -31.29 28.58
C THR C 80 3.79 -30.70 28.46
N PRO C 81 4.54 -31.27 27.58
CA PRO C 81 5.79 -30.63 27.32
C PRO C 81 5.70 -29.48 26.32
N PHE C 82 6.57 -28.49 26.47
CA PHE C 82 6.68 -27.47 25.48
C PHE C 82 8.02 -27.60 24.83
N LYS C 83 8.13 -28.56 23.95
CA LYS C 83 9.39 -28.81 23.26
C LYS C 83 9.26 -28.86 21.72
N THR C 84 10.31 -28.31 21.10
CA THR C 84 10.49 -28.35 19.68
C THR C 84 10.12 -29.72 19.11
N GLY C 85 9.10 -29.76 18.27
CA GLY C 85 8.69 -30.96 17.47
C GLY C 85 7.61 -31.79 18.14
N VAL C 86 7.40 -31.49 19.45
CA VAL C 86 6.56 -32.32 20.32
C VAL C 86 5.14 -31.77 20.42
N ALA C 87 4.18 -32.59 19.96
CA ALA C 87 2.77 -32.23 19.91
C ALA C 87 2.30 -31.87 21.30
N LEU C 88 1.55 -30.77 21.45
CA LEU C 88 1.04 -30.40 22.73
C LEU C 88 -0.27 -31.10 23.01
N ARG C 89 -0.54 -31.38 24.28
CA ARG C 89 -1.73 -32.06 24.69
C ARG C 89 -2.72 -31.05 25.32
N GLY C 90 -3.82 -30.72 24.60
CA GLY C 90 -4.84 -29.74 24.99
C GLY C 90 -5.17 -28.73 23.88
N GLY C 91 -6.07 -27.81 24.10
CA GLY C 91 -6.32 -26.81 23.03
C GLY C 91 -6.93 -27.51 21.82
N VAL C 92 -6.63 -26.99 20.63
CA VAL C 92 -7.15 -27.47 19.41
C VAL C 92 -5.91 -27.85 18.56
N PRO C 93 -5.41 -29.05 18.77
CA PRO C 93 -4.46 -29.57 17.83
C PRO C 93 -5.06 -29.63 16.41
N ILE C 94 -4.30 -29.15 15.46
CA ILE C 94 -4.64 -29.24 14.09
C ILE C 94 -4.02 -30.58 13.58
N CYS C 95 -4.87 -31.50 13.09
CA CYS C 95 -4.41 -32.83 12.64
C CYS C 95 -4.45 -32.86 11.17
N TRP C 96 -3.29 -32.71 10.55
CA TRP C 96 -3.18 -32.47 9.12
C TRP C 96 -1.73 -32.85 8.70
N PRO C 97 -1.54 -33.42 7.47
CA PRO C 97 -2.59 -33.72 6.50
C PRO C 97 -3.18 -35.13 6.61
N TRP C 98 -3.12 -35.77 7.78
CA TRP C 98 -3.92 -36.95 8.02
C TRP C 98 -4.43 -36.94 9.45
N PHE C 99 -5.62 -37.51 9.65
CA PHE C 99 -6.27 -37.67 10.95
C PHE C 99 -6.00 -39.08 11.45
N GLY C 100 -5.71 -39.29 12.72
CA GLY C 100 -5.43 -40.64 13.16
C GLY C 100 -4.11 -41.20 12.66
N PRO C 101 -3.98 -42.53 12.60
CA PRO C 101 -2.61 -43.09 12.34
C PRO C 101 -2.35 -43.04 10.88
N ALA C 102 -1.08 -42.91 10.58
CA ALA C 102 -0.63 -42.64 9.25
C ALA C 102 -0.80 -43.92 8.38
N ALA C 103 -1.16 -43.73 7.11
CA ALA C 103 -1.26 -44.85 6.17
C ALA C 103 0.05 -45.72 6.27
N GLN C 104 1.18 -45.07 6.59
CA GLN C 104 2.52 -45.62 6.45
C GLN C 104 3.21 -45.76 7.82
N GLN C 105 3.38 -47.01 8.31
CA GLN C 105 4.03 -47.13 9.64
C GLN C 105 5.39 -46.40 9.77
N GLY C 106 5.75 -46.06 11.01
CA GLY C 106 6.94 -45.24 11.26
C GLY C 106 6.61 -43.75 11.20
N LEU C 107 5.46 -43.36 10.60
CA LEU C 107 4.98 -41.94 10.73
C LEU C 107 4.08 -41.70 11.93
N PRO C 108 4.07 -40.45 12.45
CA PRO C 108 3.15 -40.18 13.58
C PRO C 108 1.66 -40.07 13.16
N SER C 109 0.82 -40.27 14.16
CA SER C 109 -0.61 -40.00 13.98
C SER C 109 -0.86 -38.50 13.95
N HIS C 110 -1.96 -38.16 13.28
CA HIS C 110 -2.50 -36.83 13.18
C HIS C 110 -1.65 -35.90 12.38
N GLY C 111 -0.89 -36.44 11.44
CA GLY C 111 -0.13 -35.61 10.47
C GLY C 111 1.15 -35.03 11.14
N PHE C 112 1.72 -34.00 10.52
CA PHE C 112 2.93 -33.38 11.03
C PHE C 112 2.72 -31.87 11.34
N ALA C 113 1.56 -31.32 10.98
CA ALA C 113 1.32 -29.92 11.05
C ALA C 113 1.35 -29.44 12.48
N ARG C 114 0.83 -30.23 13.37
CA ARG C 114 0.91 -29.88 14.76
C ARG C 114 2.35 -29.99 15.35
N ASN C 115 3.32 -30.39 14.56
CA ASN C 115 4.67 -30.56 15.08
C ASN C 115 5.65 -29.51 14.61
N LEU C 116 5.28 -28.70 13.62
CA LEU C 116 6.22 -27.82 12.95
C LEU C 116 5.93 -26.35 13.22
N PRO C 117 6.95 -25.49 13.15
CA PRO C 117 6.58 -24.13 13.52
C PRO C 117 5.88 -23.47 12.33
N TRP C 118 4.77 -22.76 12.58
CA TRP C 118 4.17 -21.85 11.59
C TRP C 118 4.61 -20.39 11.83
N ALA C 119 4.29 -19.56 10.84
CA ALA C 119 4.39 -18.13 10.86
C ALA C 119 3.09 -17.48 11.28
N LEU C 120 3.23 -16.35 12.00
CA LEU C 120 2.11 -15.46 12.12
C LEU C 120 2.14 -14.53 10.89
N LYS C 121 1.26 -14.80 9.92
CA LYS C 121 1.26 -14.08 8.68
C LYS C 121 0.69 -12.70 8.84
N ALA C 122 -0.21 -12.60 9.81
CA ALA C 122 -0.96 -11.37 9.96
C ALA C 122 -1.79 -11.41 11.23
N HIS C 123 -2.08 -10.24 11.77
CA HIS C 123 -3.04 -10.24 12.85
C HIS C 123 -3.73 -8.86 12.77
N ASN C 124 -4.91 -8.77 13.36
CA ASN C 124 -5.73 -7.55 13.37
C ASN C 124 -6.57 -7.55 14.67
N GLU C 125 -7.28 -6.48 15.01
CA GLU C 125 -7.89 -6.29 16.37
C GLU C 125 -9.10 -5.32 16.42
N ASP C 126 -9.96 -5.48 17.42
CA ASP C 126 -11.28 -4.79 17.55
C ASP C 126 -11.46 -4.46 19.00
N ASP C 127 -12.53 -3.74 19.28
CA ASP C 127 -13.02 -3.69 20.63
C ASP C 127 -13.58 -5.02 21.09
N ASN C 128 -13.90 -5.86 20.10
CA ASN C 128 -14.48 -7.19 20.36
C ASN C 128 -13.52 -8.33 20.42
N GLY C 129 -12.40 -8.28 19.71
CA GLY C 129 -11.45 -9.35 19.88
C GLY C 129 -10.30 -9.23 18.93
N VAL C 130 -9.66 -10.38 18.67
CA VAL C 130 -8.44 -10.48 17.92
C VAL C 130 -8.61 -11.47 16.77
N MET C 131 -8.19 -11.07 15.58
CA MET C 131 -8.07 -12.00 14.53
C MET C 131 -6.59 -12.28 14.22
N LEU C 132 -6.23 -13.58 14.17
CA LEU C 132 -4.88 -14.03 13.73
C LEU C 132 -4.93 -14.95 12.47
N THR C 133 -3.93 -14.80 11.61
CA THR C 133 -3.66 -15.71 10.50
C THR C 133 -2.28 -16.41 10.61
N PHE C 134 -2.24 -17.74 10.57
CA PHE C 134 -0.97 -18.46 10.67
C PHE C 134 -0.71 -19.18 9.43
N GLU C 135 0.54 -19.45 9.11
CA GLU C 135 0.83 -20.14 7.83
C GLU C 135 2.05 -21.14 7.89
N LEU C 136 1.87 -22.25 7.18
CA LEU C 136 2.81 -23.35 7.15
C LEU C 136 2.88 -23.69 5.67
N GLN C 137 4.09 -23.78 5.13
CA GLN C 137 4.31 -24.10 3.74
C GLN C 137 5.18 -25.30 3.56
N SER C 138 5.17 -25.86 2.35
CA SER C 138 6.02 -27.05 2.07
C SER C 138 7.42 -26.60 2.18
N SER C 139 8.22 -27.43 2.84
CA SER C 139 9.60 -27.24 2.90
C SER C 139 10.29 -28.61 3.01
N GLU C 140 11.57 -28.57 3.31
CA GLU C 140 12.37 -29.77 3.42
C GLU C 140 11.81 -30.58 4.59
N ALA C 141 11.49 -29.89 5.67
CA ALA C 141 10.96 -30.56 6.86
C ALA C 141 9.62 -31.26 6.61
N THR C 142 8.78 -30.69 5.73
CA THR C 142 7.46 -31.28 5.48
C THR C 142 7.60 -32.42 4.49
N ARG C 143 8.54 -32.26 3.55
CA ARG C 143 8.84 -33.31 2.56
C ARG C 143 9.57 -34.59 3.15
N LYS C 144 10.11 -34.52 4.37
CA LYS C 144 10.41 -35.74 5.14
C LYS C 144 9.17 -36.65 5.15
N TYR C 145 7.98 -36.05 5.38
CA TYR C 145 6.75 -36.81 5.69
C TYR C 145 5.78 -37.10 4.49
N TRP C 146 5.81 -36.23 3.48
CA TRP C 146 4.66 -35.98 2.58
C TRP C 146 5.26 -35.10 1.50
N PRO C 147 5.29 -35.60 0.28
CA PRO C 147 6.01 -34.89 -0.77
C PRO C 147 5.37 -33.66 -1.36
N HIS C 148 4.13 -33.38 -1.02
CA HIS C 148 3.32 -32.42 -1.79
C HIS C 148 3.59 -30.93 -1.59
N ASP C 149 3.41 -30.13 -2.61
CA ASP C 149 3.50 -28.75 -2.35
C ASP C 149 2.18 -28.31 -1.75
N PHE C 150 2.27 -27.42 -0.73
CA PHE C 150 1.13 -26.89 -0.04
C PHE C 150 1.41 -25.54 0.63
N THR C 151 0.31 -24.80 0.85
CA THR C 151 0.24 -23.71 1.76
C THR C 151 -1.00 -24.00 2.58
N LEU C 152 -0.85 -23.98 3.92
CA LEU C 152 -1.90 -24.24 4.86
C LEU C 152 -2.20 -22.92 5.56
N LEU C 153 -3.45 -22.50 5.69
CA LEU C 153 -3.72 -21.34 6.54
C LEU C 153 -4.64 -21.73 7.63
N ALA C 154 -4.35 -21.30 8.85
CA ALA C 154 -5.24 -21.43 9.94
C ALA C 154 -5.64 -20.03 10.45
N ARG C 155 -6.94 -19.67 10.38
CA ARG C 155 -7.41 -18.27 10.73
C ARG C 155 -8.23 -18.36 11.92
N PHE C 156 -8.03 -17.42 12.84
CA PHE C 156 -8.65 -17.48 14.19
C PHE C 156 -9.25 -16.13 14.53
N LYS C 157 -10.45 -16.11 15.07
CA LYS C 157 -10.99 -14.91 15.71
C LYS C 157 -11.34 -15.36 17.13
N VAL C 158 -10.76 -14.69 18.13
CA VAL C 158 -11.19 -14.94 19.48
C VAL C 158 -11.84 -13.66 20.02
N GLY C 159 -12.98 -13.82 20.71
CA GLY C 159 -13.74 -12.74 21.37
C GLY C 159 -14.82 -13.43 22.13
N LYS C 160 -16.08 -12.98 22.06
CA LYS C 160 -17.11 -13.67 22.84
C LYS C 160 -17.26 -15.10 22.31
N THR C 161 -16.94 -15.28 21.03
CA THR C 161 -16.93 -16.57 20.37
C THR C 161 -15.56 -16.82 19.76
N CYS C 162 -15.30 -18.06 19.31
CA CYS C 162 -14.01 -18.47 18.78
C CYS C 162 -14.25 -19.13 17.41
N GLU C 163 -13.66 -18.60 16.34
CA GLU C 163 -13.67 -19.20 15.06
C GLU C 163 -12.32 -19.80 14.67
N ILE C 164 -12.31 -21.00 14.11
CA ILE C 164 -11.09 -21.62 13.72
C ILE C 164 -11.38 -22.11 12.37
N GLU C 165 -10.51 -21.77 11.46
CA GLU C 165 -10.69 -22.14 10.10
C GLU C 165 -9.36 -22.50 9.36
N LEU C 166 -9.32 -23.73 8.87
CA LEU C 166 -8.22 -24.26 8.13
C LEU C 166 -8.53 -24.17 6.61
N GLU C 167 -7.61 -23.66 5.80
CA GLU C 167 -7.76 -23.58 4.37
C GLU C 167 -6.46 -24.08 3.69
N ALA C 168 -6.51 -25.28 3.06
CA ALA C 168 -5.33 -25.92 2.43
C ALA C 168 -5.35 -25.73 0.93
N HIS C 169 -4.17 -25.27 0.45
CA HIS C 169 -3.93 -24.98 -0.96
C HIS C 169 -2.97 -25.96 -1.57
N GLY C 170 -3.28 -26.33 -2.82
CA GLY C 170 -2.61 -27.33 -3.67
C GLY C 170 -3.50 -28.40 -4.37
N GLU C 171 -2.92 -29.58 -4.56
CA GLU C 171 -3.53 -30.67 -5.38
C GLU C 171 -3.17 -32.03 -4.72
N PHE C 172 -4.08 -32.52 -3.88
CA PHE C 172 -3.82 -33.72 -3.02
C PHE C 172 -5.08 -34.04 -2.32
N ALA C 173 -5.05 -35.17 -1.67
CA ALA C 173 -6.14 -35.71 -0.88
C ALA C 173 -5.67 -35.62 0.54
N THR C 174 -6.60 -35.31 1.44
CA THR C 174 -6.24 -35.17 2.81
C THR C 174 -7.34 -35.79 3.62
N THR C 175 -6.96 -36.25 4.84
CA THR C 175 -7.86 -36.37 6.00
C THR C 175 -7.41 -35.38 7.07
N SER C 176 -8.30 -34.83 7.91
CA SER C 176 -7.84 -33.90 8.94
C SER C 176 -8.85 -33.74 10.04
N ALA C 177 -8.45 -32.99 11.08
CA ALA C 177 -9.34 -32.60 12.21
C ALA C 177 -8.85 -31.34 12.99
N LEU C 178 -9.77 -30.77 13.77
CA LEU C 178 -9.48 -29.74 14.76
C LEU C 178 -9.89 -30.52 15.98
N HIS C 179 -8.90 -30.94 16.77
CA HIS C 179 -9.06 -31.91 17.80
C HIS C 179 -9.31 -31.26 19.15
N SER C 180 -10.24 -30.32 19.19
CA SER C 180 -10.55 -29.55 20.44
C SER C 180 -10.68 -30.30 21.75
N TYR C 181 -9.86 -29.95 22.75
CA TYR C 181 -10.16 -30.39 24.16
C TYR C 181 -11.03 -29.35 24.90
N PHE C 182 -12.22 -29.71 25.30
CA PHE C 182 -13.11 -28.75 25.98
C PHE C 182 -13.06 -28.95 27.49
N ASN C 183 -12.73 -27.86 28.19
CA ASN C 183 -12.72 -27.85 29.64
C ASN C 183 -14.10 -28.02 30.23
N VAL C 184 -14.17 -28.93 31.14
CA VAL C 184 -15.44 -29.42 31.61
C VAL C 184 -15.30 -29.66 33.14
N GLY C 185 -16.34 -29.40 33.92
CA GLY C 185 -16.36 -29.65 35.33
C GLY C 185 -15.97 -31.03 35.80
N ASP C 186 -16.71 -32.04 35.37
CA ASP C 186 -16.41 -33.44 35.75
C ASP C 186 -16.98 -34.37 34.64
N ILE C 187 -16.11 -35.11 33.94
CA ILE C 187 -16.54 -35.92 32.83
C ILE C 187 -17.79 -36.76 33.12
N ALA C 188 -17.99 -37.12 34.39
CA ALA C 188 -19.15 -37.87 34.79
C ALA C 188 -20.47 -37.10 34.65
N ASN C 189 -20.47 -35.78 34.88
CA ASN C 189 -21.69 -34.97 34.82
C ASN C 189 -21.83 -34.26 33.50
N VAL C 190 -21.42 -34.95 32.43
CA VAL C 190 -21.34 -34.35 31.07
C VAL C 190 -22.08 -35.13 29.94
N LYS C 191 -22.76 -34.42 29.03
CA LYS C 191 -23.28 -35.04 27.86
C LYS C 191 -23.17 -34.12 26.70
N VAL C 192 -23.00 -34.70 25.52
CA VAL C 192 -22.84 -33.97 24.28
C VAL C 192 -24.03 -34.45 23.39
N SER C 193 -24.87 -33.53 22.97
CA SER C 193 -25.99 -33.86 22.08
C SER C 193 -25.74 -33.26 20.67
N GLY C 194 -26.69 -33.46 19.75
CA GLY C 194 -26.50 -33.12 18.31
C GLY C 194 -25.60 -34.14 17.60
N LEU C 195 -25.30 -35.28 18.24
CA LEU C 195 -24.40 -36.28 17.58
C LEU C 195 -24.99 -37.22 16.48
N GLY C 196 -26.30 -37.10 16.15
CA GLY C 196 -26.91 -37.91 15.08
C GLY C 196 -27.25 -39.33 15.54
N ASP C 197 -27.29 -40.25 14.57
CA ASP C 197 -27.57 -41.63 14.90
C ASP C 197 -26.32 -42.50 14.82
N ARG C 198 -25.83 -42.73 13.59
CA ARG C 198 -24.84 -43.78 13.32
C ARG C 198 -23.43 -43.39 13.86
N PHE C 199 -22.70 -44.32 14.48
CA PHE C 199 -21.26 -44.00 14.85
C PHE C 199 -20.41 -45.26 14.77
N ILE C 200 -19.09 -45.11 14.69
CA ILE C 200 -18.17 -46.20 14.70
C ILE C 200 -17.50 -46.11 16.04
N ASP C 201 -17.46 -47.23 16.74
CA ASP C 201 -16.89 -47.30 18.06
C ASP C 201 -15.44 -47.82 18.04
N LYS C 202 -14.49 -46.90 18.13
CA LYS C 202 -13.07 -47.24 18.02
C LYS C 202 -12.58 -48.03 19.22
N VAL C 203 -13.22 -47.87 20.37
CA VAL C 203 -12.92 -48.73 21.51
C VAL C 203 -13.40 -50.16 21.33
N ASN C 204 -14.55 -50.36 20.72
CA ASN C 204 -15.12 -51.70 20.70
C ASN C 204 -15.06 -52.31 19.25
N ASP C 205 -13.83 -52.48 18.74
CA ASP C 205 -13.56 -53.17 17.50
C ASP C 205 -14.19 -52.48 16.31
N ALA C 206 -14.47 -51.19 16.45
CA ALA C 206 -14.99 -50.43 15.31
C ALA C 206 -16.41 -50.93 14.90
N LYS C 207 -17.14 -51.49 15.89
CA LYS C 207 -18.57 -51.92 15.73
C LYS C 207 -19.42 -50.74 15.46
N GLU C 208 -20.50 -50.89 14.74
CA GLU C 208 -21.25 -49.69 14.37
C GLU C 208 -22.45 -49.53 15.28
N GLY C 209 -22.54 -48.39 15.93
CA GLY C 209 -23.64 -48.18 16.88
C GLY C 209 -24.69 -47.24 16.33
N VAL C 210 -25.84 -47.13 17.00
CA VAL C 210 -26.82 -46.15 16.61
C VAL C 210 -27.37 -45.46 17.84
N LEU C 211 -27.24 -44.15 17.88
CA LEU C 211 -27.89 -43.44 18.96
C LEU C 211 -29.28 -43.05 18.42
N THR C 212 -30.26 -42.88 19.34
CA THR C 212 -31.64 -42.57 18.98
C THR C 212 -31.98 -41.16 19.45
N ASP C 213 -31.08 -40.54 20.20
CA ASP C 213 -31.33 -39.16 20.58
C ASP C 213 -30.15 -38.17 20.37
N GLY C 214 -29.08 -38.68 19.73
CA GLY C 214 -27.87 -37.95 19.44
C GLY C 214 -27.08 -37.55 20.67
N ILE C 215 -27.32 -38.18 21.82
CA ILE C 215 -26.65 -37.87 23.05
C ILE C 215 -25.61 -38.93 23.41
N GLN C 216 -24.37 -38.49 23.62
CA GLN C 216 -23.32 -39.28 24.20
C GLN C 216 -22.91 -38.85 25.62
N THR C 217 -22.77 -39.83 26.49
CA THR C 217 -22.04 -39.69 27.77
C THR C 217 -20.72 -40.43 27.77
N PHE C 218 -19.97 -40.21 28.83
CA PHE C 218 -18.56 -40.56 28.85
C PHE C 218 -18.19 -41.27 30.10
N PRO C 219 -18.86 -42.38 30.38
CA PRO C 219 -18.60 -42.89 31.74
C PRO C 219 -17.18 -43.51 31.87
N ASP C 220 -16.55 -43.84 30.73
CA ASP C 220 -15.19 -44.35 30.68
C ASP C 220 -14.67 -44.01 29.30
N ARG C 221 -13.54 -44.63 28.97
CA ARG C 221 -12.96 -44.48 27.66
C ARG C 221 -14.00 -44.55 26.53
N THR C 222 -13.98 -43.53 25.69
CA THR C 222 -15.04 -43.39 24.69
C THR C 222 -14.39 -42.72 23.49
N ASP C 223 -14.56 -43.34 22.32
CA ASP C 223 -13.80 -42.90 21.14
C ASP C 223 -14.71 -43.15 19.98
N ARG C 224 -15.32 -42.11 19.43
CA ARG C 224 -16.44 -42.40 18.62
C ARG C 224 -16.48 -41.47 17.43
N VAL C 225 -16.64 -42.04 16.24
CA VAL C 225 -16.75 -41.26 14.99
C VAL C 225 -18.20 -41.16 14.56
N TYR C 226 -18.81 -40.00 14.67
CA TYR C 226 -20.19 -39.89 14.33
C TYR C 226 -20.36 -39.66 12.81
N LEU C 227 -21.30 -40.36 12.16
CA LEU C 227 -21.39 -40.33 10.68
C LEU C 227 -22.45 -39.35 10.15
N ASN C 228 -23.53 -39.14 10.92
CA ASN C 228 -24.35 -38.00 10.71
C ASN C 228 -24.81 -37.11 11.80
N PRO C 229 -23.84 -36.37 12.30
CA PRO C 229 -23.97 -35.47 13.40
C PRO C 229 -24.66 -34.24 12.93
N GLU C 230 -25.34 -33.55 13.84
CA GLU C 230 -25.84 -32.24 13.52
C GLU C 230 -24.69 -31.27 13.30
N ALA C 231 -25.01 -30.18 12.61
CA ALA C 231 -24.01 -29.13 12.37
C ALA C 231 -23.43 -28.63 13.72
N CYS C 232 -24.23 -28.68 14.79
CA CYS C 232 -23.85 -28.16 16.02
C CYS C 232 -23.81 -29.31 17.04
N SER C 233 -22.69 -29.50 17.77
CA SER C 233 -22.71 -30.39 18.92
C SER C 233 -22.88 -29.46 20.09
N VAL C 234 -23.54 -29.95 21.14
CA VAL C 234 -23.67 -29.19 22.40
C VAL C 234 -23.17 -29.90 23.63
N ILE C 235 -22.26 -29.26 24.33
CA ILE C 235 -21.74 -29.84 25.55
C ILE C 235 -22.44 -29.28 26.77
N HIS C 236 -23.12 -30.17 27.47
CA HIS C 236 -23.89 -29.88 28.63
C HIS C 236 -23.11 -30.35 29.79
N ASP C 237 -22.88 -29.40 30.68
CA ASP C 237 -21.95 -29.56 31.76
C ASP C 237 -22.64 -29.10 33.05
N ALA C 238 -23.06 -30.06 33.86
CA ALA C 238 -23.88 -29.80 35.04
C ALA C 238 -23.03 -29.31 36.21
N THR C 239 -21.72 -29.50 36.17
CA THR C 239 -20.90 -29.06 37.29
C THR C 239 -20.55 -27.54 37.19
N LEU C 240 -20.15 -27.08 36.00
CA LEU C 240 -19.70 -25.72 35.81
C LEU C 240 -20.86 -24.90 35.37
N ASN C 241 -21.95 -25.60 35.15
CA ASN C 241 -23.19 -24.99 34.81
C ASN C 241 -23.36 -24.20 33.55
N ARG C 242 -23.05 -24.84 32.43
CA ARG C 242 -22.93 -24.19 31.15
C ARG C 242 -23.11 -25.13 29.99
N THR C 243 -23.31 -24.51 28.87
CA THR C 243 -23.31 -25.20 27.62
C THR C 243 -22.27 -24.56 26.70
N ILE C 244 -21.68 -25.38 25.85
CA ILE C 244 -20.74 -24.92 24.88
C ILE C 244 -21.25 -25.46 23.58
N ASP C 245 -21.44 -24.62 22.58
CA ASP C 245 -21.88 -25.11 21.30
C ASP C 245 -20.65 -25.25 20.43
N VAL C 246 -20.61 -26.29 19.63
CA VAL C 246 -19.53 -26.48 18.77
C VAL C 246 -20.07 -26.70 17.39
N VAL C 247 -19.81 -25.75 16.52
CA VAL C 247 -20.47 -25.77 15.23
C VAL C 247 -19.42 -26.21 14.27
N HIS C 248 -19.70 -27.30 13.57
CA HIS C 248 -18.81 -27.79 12.53
C HIS C 248 -19.12 -27.28 11.12
N HIS C 249 -18.04 -26.99 10.38
CA HIS C 249 -18.08 -26.49 9.03
C HIS C 249 -17.21 -27.29 8.02
N HIS C 250 -17.74 -27.45 6.78
CA HIS C 250 -16.98 -28.04 5.68
C HIS C 250 -16.50 -29.46 6.06
N HIS C 251 -17.03 -30.05 7.17
CA HIS C 251 -16.52 -31.33 7.66
C HIS C 251 -17.23 -32.66 7.16
N LEU C 252 -16.79 -33.85 7.61
CA LEU C 252 -17.49 -35.08 7.28
C LEU C 252 -18.07 -35.77 8.47
N ASN C 253 -17.35 -35.69 9.56
CA ASN C 253 -17.62 -36.50 10.73
C ASN C 253 -17.45 -35.58 11.93
N VAL C 254 -17.98 -36.00 13.08
CA VAL C 254 -17.51 -35.47 14.38
C VAL C 254 -16.95 -36.63 15.26
N VAL C 255 -15.86 -36.41 15.99
CA VAL C 255 -15.36 -37.45 16.91
C VAL C 255 -15.56 -37.00 18.31
N GLY C 256 -16.02 -37.90 19.17
CA GLY C 256 -15.99 -37.60 20.58
C GLY C 256 -15.05 -38.56 21.29
N TRP C 257 -14.34 -38.03 22.27
CA TRP C 257 -13.31 -38.83 22.93
C TRP C 257 -13.02 -38.34 24.30
N ASN C 258 -12.96 -39.23 25.23
CA ASN C 258 -12.34 -39.00 26.52
C ASN C 258 -11.65 -40.32 26.78
N PRO C 259 -10.39 -40.23 27.26
CA PRO C 259 -9.58 -41.45 27.33
C PRO C 259 -9.92 -42.35 28.52
N GLY C 260 -10.69 -41.89 29.49
CA GLY C 260 -10.89 -42.68 30.70
C GLY C 260 -9.61 -42.80 31.55
N PRO C 261 -9.74 -43.27 32.80
CA PRO C 261 -8.62 -43.23 33.71
C PRO C 261 -7.44 -44.03 33.30
N ALA C 262 -7.61 -45.20 32.70
CA ALA C 262 -6.40 -46.03 32.65
C ALA C 262 -5.41 -45.45 31.63
N LEU C 263 -5.97 -44.83 30.61
CA LEU C 263 -5.18 -44.31 29.55
C LEU C 263 -4.68 -42.93 29.92
N SER C 264 -5.45 -42.21 30.72
CA SER C 264 -4.97 -40.93 31.20
C SER C 264 -3.64 -41.10 32.01
N VAL C 265 -3.59 -42.10 32.93
CA VAL C 265 -2.33 -42.44 33.64
C VAL C 265 -1.21 -42.77 32.62
N SER C 266 -1.51 -43.67 31.69
CA SER C 266 -0.46 -44.17 30.85
C SER C 266 0.12 -43.14 29.83
N MET C 267 -0.60 -42.03 29.60
CA MET C 267 -0.10 -41.01 28.64
C MET C 267 0.89 -40.14 29.40
N GLY C 268 2.12 -40.13 28.87
CA GLY C 268 3.19 -39.26 29.31
C GLY C 268 2.76 -37.83 29.49
N ASP C 269 2.03 -37.26 28.53
CA ASP C 269 1.66 -35.83 28.60
C ASP C 269 0.34 -35.38 29.28
N MET C 270 -0.35 -36.26 30.06
CA MET C 270 -1.63 -35.98 30.76
C MET C 270 -1.50 -36.24 32.26
N PRO C 271 -2.08 -35.39 33.13
CA PRO C 271 -2.23 -35.78 34.52
C PRO C 271 -3.06 -37.07 34.59
N ASP C 272 -2.86 -37.85 35.67
CA ASP C 272 -3.50 -39.14 35.83
C ASP C 272 -4.99 -38.91 35.90
N ASP C 273 -5.37 -37.76 36.42
CA ASP C 273 -6.78 -37.43 36.49
C ASP C 273 -7.11 -36.24 35.53
N GLY C 274 -6.29 -36.10 34.49
CA GLY C 274 -6.53 -35.16 33.42
C GLY C 274 -7.88 -35.46 32.80
N TYR C 275 -8.15 -36.75 32.62
CA TYR C 275 -9.36 -37.19 31.89
C TYR C 275 -10.62 -36.70 32.54
N LYS C 276 -10.52 -36.28 33.78
CA LYS C 276 -11.72 -35.92 34.54
C LYS C 276 -12.34 -34.60 34.12
N THR C 277 -11.58 -33.75 33.43
CA THR C 277 -11.94 -32.31 33.24
C THR C 277 -11.94 -31.83 31.73
N PHE C 278 -11.92 -32.77 30.79
CA PHE C 278 -12.24 -32.40 29.44
C PHE C 278 -13.06 -33.42 28.69
N VAL C 279 -13.61 -32.99 27.56
CA VAL C 279 -14.15 -33.88 26.53
C VAL C 279 -13.65 -33.31 25.21
N CYS C 280 -13.32 -34.20 24.25
CA CYS C 280 -12.90 -33.77 22.94
C CYS C 280 -14.11 -33.96 22.07
N VAL C 281 -14.56 -32.89 21.44
CA VAL C 281 -15.51 -32.93 20.38
C VAL C 281 -14.77 -32.34 19.18
N GLU C 282 -14.52 -33.15 18.16
CA GLU C 282 -13.58 -32.78 17.17
C GLU C 282 -14.32 -32.61 15.87
N THR C 283 -13.91 -31.67 15.04
CA THR C 283 -14.53 -31.46 13.77
C THR C 283 -13.58 -32.19 12.85
N VAL C 284 -14.10 -33.13 12.09
CA VAL C 284 -13.24 -34.12 11.45
C VAL C 284 -13.58 -34.36 9.97
N TYR C 285 -12.57 -34.59 9.16
CA TYR C 285 -12.82 -35.12 7.85
C TYR C 285 -11.93 -36.31 7.68
N ALA C 286 -12.45 -37.49 8.03
CA ALA C 286 -11.67 -38.76 8.16
C ALA C 286 -12.24 -39.86 7.27
N THR C 287 -13.54 -40.09 7.40
CA THR C 287 -14.23 -41.21 6.74
C THR C 287 -14.15 -41.42 5.20
N ALA C 288 -13.99 -40.34 4.45
CA ALA C 288 -13.52 -40.31 3.06
C ALA C 288 -12.40 -39.22 2.96
N PRO C 289 -11.55 -39.26 1.91
CA PRO C 289 -10.54 -38.22 1.80
C PRO C 289 -11.16 -37.00 1.19
N GLN C 290 -10.66 -35.83 1.60
CA GLN C 290 -11.12 -34.56 1.13
C GLN C 290 -10.13 -34.18 0.03
N GLN C 291 -10.59 -33.64 -1.08
CA GLN C 291 -9.69 -33.26 -2.15
C GLN C 291 -9.43 -31.76 -2.10
N ALA C 292 -8.20 -31.38 -2.41
CA ALA C 292 -7.96 -29.98 -2.77
C ALA C 292 -7.45 -29.90 -4.21
N THR C 293 -7.83 -28.86 -4.93
CA THR C 293 -7.33 -28.58 -6.29
C THR C 293 -6.98 -27.10 -6.28
N GLU C 294 -6.10 -26.66 -7.16
CA GLU C 294 -5.83 -25.25 -7.30
C GLU C 294 -7.07 -24.35 -7.30
N GLU C 295 -8.21 -24.86 -7.81
CA GLU C 295 -9.41 -24.04 -8.03
C GLU C 295 -10.24 -23.98 -6.75
N LYS C 296 -10.03 -24.96 -5.87
CA LYS C 296 -10.73 -24.95 -4.62
C LYS C 296 -9.95 -25.72 -3.48
N PRO C 297 -9.33 -24.93 -2.53
CA PRO C 297 -8.59 -25.45 -1.35
C PRO C 297 -9.51 -26.36 -0.50
N SER C 298 -8.96 -27.40 0.12
CA SER C 298 -9.76 -28.06 1.11
C SER C 298 -9.86 -27.18 2.41
N ARG C 299 -11.00 -27.21 3.10
CA ARG C 299 -11.12 -26.57 4.35
C ARG C 299 -11.83 -27.30 5.43
N LEU C 300 -11.65 -26.76 6.64
CA LEU C 300 -12.27 -27.32 7.86
C LEU C 300 -12.35 -26.21 8.90
N ALA C 301 -13.48 -26.11 9.59
CA ALA C 301 -13.68 -25.05 10.53
C ALA C 301 -14.57 -25.46 11.68
N GLN C 302 -14.38 -24.68 12.75
CA GLN C 302 -15.13 -24.92 13.96
C GLN C 302 -15.46 -23.60 14.63
N THR C 303 -16.63 -23.49 15.23
CA THR C 303 -17.00 -22.26 15.89
C THR C 303 -17.46 -22.70 17.25
N ILE C 304 -17.07 -21.94 18.27
CA ILE C 304 -17.38 -22.25 19.66
C ILE C 304 -17.98 -21.04 20.38
N CYS C 305 -19.04 -21.30 21.17
CA CYS C 305 -19.81 -20.33 21.99
C CYS C 305 -19.98 -21.00 23.34
N VAL C 306 -20.09 -20.21 24.41
CA VAL C 306 -20.30 -20.68 25.75
C VAL C 306 -21.42 -19.86 26.27
N ALA C 307 -22.08 -20.35 27.30
CA ALA C 307 -23.32 -19.74 27.84
C ALA C 307 -23.48 -20.46 29.16
N LYS C 308 -23.46 -19.70 30.26
CA LYS C 308 -23.78 -20.28 31.57
C LYS C 308 -25.28 -20.71 31.64
N ARG C 309 -25.54 -21.66 32.56
CA ARG C 309 -26.85 -22.14 33.03
C ARG C 309 -27.40 -23.33 32.22
N SER D 14 26.67 -13.04 0.44
CA SER D 14 27.73 -11.95 0.43
C SER D 14 27.43 -10.95 1.52
N HIS D 15 26.94 -9.75 1.15
CA HIS D 15 26.52 -8.72 2.11
C HIS D 15 25.70 -9.48 3.11
N MET D 16 26.05 -9.32 4.36
CA MET D 16 25.36 -10.01 5.45
C MET D 16 23.96 -9.42 5.55
N ILE D 17 23.86 -8.14 5.20
CA ILE D 17 22.64 -7.36 5.40
C ILE D 17 21.59 -7.90 4.46
N ASN D 18 21.95 -8.04 3.20
CA ASN D 18 21.12 -8.80 2.25
C ASN D 18 20.69 -10.16 2.73
N LYS D 19 21.55 -10.95 3.33
CA LYS D 19 21.06 -12.23 3.91
C LYS D 19 19.88 -11.97 4.83
N ILE D 20 20.03 -10.97 5.70
CA ILE D 20 18.99 -10.57 6.61
C ILE D 20 17.70 -10.13 5.88
N PHE D 21 17.78 -9.24 4.91
CA PHE D 21 16.54 -8.98 4.14
C PHE D 21 15.97 -10.13 3.32
N ALA D 22 16.76 -11.16 3.02
CA ALA D 22 16.21 -12.32 2.32
C ALA D 22 15.51 -13.30 3.26
N LEU D 23 15.72 -13.21 4.57
CA LEU D 23 15.13 -14.21 5.48
C LEU D 23 13.60 -14.20 5.41
N PRO D 24 12.95 -15.33 5.70
CA PRO D 24 11.53 -15.19 5.72
C PRO D 24 10.98 -14.62 6.99
N VAL D 25 9.73 -14.25 6.89
CA VAL D 25 8.98 -13.60 7.94
C VAL D 25 8.44 -14.68 8.80
N ILE D 26 8.79 -14.67 10.08
CA ILE D 26 8.18 -15.49 11.10
C ILE D 26 7.02 -14.75 11.74
N GLU D 27 7.15 -13.44 11.99
CA GLU D 27 6.00 -12.68 12.45
C GLU D 27 5.87 -11.39 11.67
N GLN D 28 4.68 -11.13 11.16
CA GLN D 28 4.40 -9.83 10.65
C GLN D 28 3.80 -9.02 11.74
N LEU D 29 4.60 -8.13 12.34
CA LEU D 29 4.02 -7.26 13.38
C LEU D 29 3.11 -6.19 12.74
N THR D 30 3.57 -5.58 11.65
CA THR D 30 2.81 -4.63 10.94
C THR D 30 3.27 -4.79 9.49
N PRO D 31 2.64 -4.05 8.56
CA PRO D 31 2.98 -4.22 7.15
C PRO D 31 4.44 -3.95 6.88
N VAL D 32 5.11 -3.23 7.76
CA VAL D 32 6.52 -2.99 7.50
C VAL D 32 7.44 -3.64 8.54
N LEU D 33 6.90 -4.07 9.69
CA LEU D 33 7.73 -4.65 10.77
C LEU D 33 7.58 -6.17 10.79
N SER D 34 8.69 -6.89 10.64
CA SER D 34 8.59 -8.26 10.97
C SER D 34 9.62 -8.76 11.96
N ARG D 35 9.36 -9.99 12.43
CA ARG D 35 10.42 -10.77 13.05
C ARG D 35 10.99 -11.86 12.18
N ARG D 36 12.30 -12.17 12.31
CA ARG D 36 12.90 -13.17 11.48
C ARG D 36 13.99 -13.80 12.29
N GLN D 37 14.69 -14.77 11.70
CA GLN D 37 15.65 -15.45 12.42
C GLN D 37 16.84 -15.83 11.61
N LEU D 38 17.99 -15.56 12.20
CA LEU D 38 19.32 -15.82 11.62
C LEU D 38 20.11 -16.54 12.65
N ASP D 39 20.19 -17.87 12.49
CA ASP D 39 20.92 -18.74 13.42
C ASP D 39 20.30 -18.74 14.81
N ASP D 40 20.99 -18.20 15.81
CA ASP D 40 20.36 -18.19 17.12
C ASP D 40 19.44 -17.00 17.27
N LEU D 41 19.54 -15.99 16.43
CA LEU D 41 19.00 -14.73 16.91
C LEU D 41 17.73 -14.31 16.15
N ASP D 42 16.72 -14.01 16.91
CA ASP D 42 15.58 -13.29 16.47
C ASP D 42 15.94 -11.89 16.12
N LEU D 43 15.38 -11.37 14.99
CA LEU D 43 15.63 -10.00 14.44
C LEU D 43 14.29 -9.28 14.18
N ILE D 44 14.34 -7.94 14.18
CA ILE D 44 13.21 -7.11 13.87
C ILE D 44 13.60 -6.36 12.64
N VAL D 45 12.84 -6.55 11.57
CA VAL D 45 13.25 -5.99 10.31
C VAL D 45 12.22 -4.99 9.89
N VAL D 46 12.74 -3.91 9.34
CA VAL D 46 11.96 -2.80 8.84
C VAL D 46 12.11 -2.72 7.29
N ASP D 47 11.02 -3.00 6.58
CA ASP D 47 11.02 -2.83 5.11
C ASP D 47 9.94 -1.79 4.87
N HIS D 48 10.34 -0.53 4.91
CA HIS D 48 9.40 0.56 4.84
C HIS D 48 9.71 1.35 3.56
N PRO D 49 8.71 2.07 2.99
CA PRO D 49 9.00 2.80 1.74
C PRO D 49 10.16 3.78 1.84
N GLN D 50 10.27 4.46 2.95
CA GLN D 50 11.37 5.42 3.14
C GLN D 50 12.67 4.80 3.71
N VAL D 51 12.55 3.59 4.28
CA VAL D 51 13.68 2.99 5.03
C VAL D 51 13.69 1.53 5.09
N LYS D 52 14.87 0.96 4.94
CA LYS D 52 15.13 -0.38 5.34
C LYS D 52 16.12 -0.34 6.54
N ALA D 53 15.78 -1.02 7.64
CA ALA D 53 16.65 -1.20 8.85
C ALA D 53 16.44 -2.57 9.53
N SER D 54 17.44 -3.02 10.30
CA SER D 54 17.35 -4.26 11.06
C SER D 54 17.98 -4.26 12.51
N PHE D 55 17.31 -4.96 13.39
CA PHE D 55 17.77 -5.07 14.77
C PHE D 55 17.88 -6.54 15.22
N ALA D 56 18.69 -6.77 16.24
CA ALA D 56 18.67 -8.01 16.98
C ALA D 56 18.16 -7.64 18.32
N LEU D 57 17.16 -8.36 18.77
CA LEU D 57 16.66 -8.28 20.13
C LEU D 57 17.81 -8.46 21.13
N GLN D 58 18.78 -9.30 20.77
CA GLN D 58 19.98 -9.40 21.58
C GLN D 58 20.73 -8.07 21.47
N GLY D 59 20.94 -7.47 22.64
CA GLY D 59 21.64 -6.16 22.61
C GLY D 59 20.83 -4.96 21.97
N ALA D 60 19.53 -5.16 21.67
CA ALA D 60 18.68 -4.08 21.07
C ALA D 60 19.60 -3.39 20.07
N HIS D 61 20.29 -4.27 19.36
CA HIS D 61 21.40 -3.89 18.49
C HIS D 61 20.95 -3.57 17.04
N LEU D 62 21.08 -2.32 16.62
CA LEU D 62 20.76 -1.89 15.27
C LEU D 62 21.83 -2.44 14.41
N LEU D 63 21.45 -3.30 13.48
CA LEU D 63 22.37 -3.94 12.52
C LEU D 63 22.62 -3.11 11.26
N SER D 64 21.56 -2.52 10.68
CA SER D 64 21.70 -1.82 9.38
C SER D 64 20.72 -0.64 9.22
N TRP D 65 21.10 0.35 8.46
CA TRP D 65 20.20 1.43 8.29
C TRP D 65 20.41 2.02 6.90
N LYS D 66 19.37 1.88 6.09
CA LYS D 66 19.45 2.38 4.76
C LYS D 66 18.20 3.23 4.45
N PRO D 67 18.37 4.55 4.46
CA PRO D 67 17.26 5.40 4.00
C PRO D 67 17.14 5.42 2.48
N VAL D 68 15.91 5.60 1.99
CA VAL D 68 15.65 5.35 0.57
C VAL D 68 16.51 6.23 -0.28
N GLY D 69 17.17 5.62 -1.26
CA GLY D 69 18.04 6.35 -2.17
C GLY D 69 19.50 6.37 -1.74
N GLU D 70 19.93 5.83 -0.57
CA GLU D 70 21.37 5.96 -0.21
C GLU D 70 21.97 4.62 -0.20
N GLU D 71 23.29 4.50 -0.16
CA GLU D 71 23.85 3.27 0.31
C GLU D 71 23.61 3.15 1.81
N GLU D 72 23.63 1.92 2.25
CA GLU D 72 23.80 1.51 3.68
C GLU D 72 24.72 2.41 4.46
N VAL D 73 24.15 3.00 5.50
CA VAL D 73 24.88 3.84 6.37
C VAL D 73 25.69 3.06 7.42
N LEU D 74 25.16 1.97 7.96
CA LEU D 74 25.92 1.19 8.94
C LEU D 74 26.63 0.04 8.24
N TRP D 75 27.78 -0.32 8.78
CA TRP D 75 28.61 -1.44 8.34
C TRP D 75 28.27 -2.59 9.22
N LEU D 76 28.12 -3.77 8.57
CA LEU D 76 27.89 -5.05 9.31
C LEU D 76 28.88 -6.12 8.78
N SER D 77 29.51 -6.86 9.69
CA SER D 77 30.55 -7.85 9.32
C SER D 77 30.00 -9.04 8.57
N ASN D 78 30.56 -9.36 7.41
CA ASN D 78 30.15 -10.57 6.75
C ASN D 78 30.40 -11.79 7.55
N ASN D 79 31.18 -11.71 8.60
CA ASN D 79 31.69 -12.86 9.38
C ASN D 79 31.14 -12.99 10.79
N THR D 80 30.39 -11.99 11.25
CA THR D 80 29.99 -12.04 12.61
C THR D 80 29.10 -13.26 12.89
N PRO D 81 29.34 -13.91 14.00
CA PRO D 81 28.50 -15.00 14.41
C PRO D 81 27.20 -14.39 14.79
N PHE D 82 26.11 -15.14 14.64
CA PHE D 82 24.83 -14.77 15.16
C PHE D 82 24.46 -15.75 16.26
N LYS D 83 25.11 -15.63 17.43
CA LYS D 83 25.08 -16.67 18.45
C LYS D 83 24.61 -16.14 19.86
N THR D 84 23.77 -16.88 20.56
CA THR D 84 23.32 -16.50 21.84
C THR D 84 24.47 -16.07 22.70
N GLY D 85 24.36 -14.88 23.20
CA GLY D 85 25.23 -14.35 24.18
C GLY D 85 26.45 -13.71 23.59
N VAL D 86 26.53 -13.68 22.26
CA VAL D 86 27.81 -13.34 21.69
C VAL D 86 27.72 -11.96 21.04
N ALA D 87 28.63 -11.01 21.32
CA ALA D 87 28.42 -9.62 20.91
C ALA D 87 28.45 -9.55 19.37
N LEU D 88 27.45 -8.99 18.70
CA LEU D 88 27.45 -8.89 17.23
C LEU D 88 28.46 -7.89 16.74
N ARG D 89 29.14 -8.21 15.64
CA ARG D 89 30.13 -7.29 15.11
C ARG D 89 29.58 -6.38 14.03
N GLY D 90 29.39 -5.07 14.39
CA GLY D 90 28.97 -3.99 13.49
C GLY D 90 27.71 -3.34 14.03
N GLY D 91 27.00 -2.61 13.18
CA GLY D 91 25.79 -1.98 13.65
C GLY D 91 26.17 -0.99 14.77
N VAL D 92 25.33 -0.90 15.80
CA VAL D 92 25.60 0.01 16.92
C VAL D 92 25.49 -0.80 18.19
N PRO D 93 26.61 -1.42 18.58
CA PRO D 93 26.56 -2.06 19.88
C PRO D 93 26.30 -0.97 20.90
N ILE D 94 25.40 -1.25 21.79
CA ILE D 94 25.19 -0.48 23.03
C ILE D 94 26.25 -1.04 24.03
N CYS D 95 27.20 -0.21 24.40
CA CYS D 95 28.14 -0.61 25.41
C CYS D 95 27.67 -0.03 26.74
N TRP D 96 27.29 -0.91 27.69
CA TRP D 96 26.60 -0.52 28.89
C TRP D 96 26.63 -1.69 29.87
N PRO D 97 26.87 -1.46 31.18
CA PRO D 97 27.02 -0.27 32.05
C PRO D 97 28.45 0.13 32.32
N TRP D 98 29.37 -0.38 31.49
CA TRP D 98 30.72 0.16 31.44
C TRP D 98 31.20 0.21 30.01
N PHE D 99 32.16 1.10 29.75
CA PHE D 99 32.77 1.15 28.43
C PHE D 99 34.19 0.62 28.42
N GLY D 100 34.51 -0.10 27.38
CA GLY D 100 35.82 -0.71 27.33
C GLY D 100 35.94 -1.84 28.36
N PRO D 101 37.16 -2.27 28.63
CA PRO D 101 37.48 -3.44 29.50
C PRO D 101 37.00 -3.19 30.92
N ALA D 102 36.49 -4.22 31.54
CA ALA D 102 36.00 -4.18 32.87
C ALA D 102 37.13 -4.02 33.88
N ALA D 103 36.85 -3.26 34.94
CA ALA D 103 37.75 -3.19 36.10
C ALA D 103 37.79 -4.57 36.82
N GLN D 104 36.67 -5.30 36.93
CA GLN D 104 36.72 -6.66 37.53
C GLN D 104 37.12 -7.74 36.51
N GLN D 105 38.28 -8.34 36.76
CA GLN D 105 38.78 -9.58 36.20
C GLN D 105 37.65 -10.58 36.06
N GLY D 106 37.48 -11.07 34.85
CA GLY D 106 36.48 -12.08 34.54
C GLY D 106 35.24 -11.54 33.83
N LEU D 107 35.16 -10.22 33.67
CA LEU D 107 33.94 -9.59 33.14
C LEU D 107 34.24 -9.06 31.73
N PRO D 108 33.23 -9.03 30.83
CA PRO D 108 33.56 -8.75 29.39
C PRO D 108 33.91 -7.29 29.20
N SER D 109 34.45 -6.94 28.02
CA SER D 109 34.47 -5.55 27.74
C SER D 109 33.13 -4.96 27.25
N HIS D 110 32.96 -3.66 27.50
CA HIS D 110 31.82 -2.92 26.97
C HIS D 110 30.50 -3.37 27.64
N GLY D 111 30.56 -3.80 28.90
CA GLY D 111 29.35 -4.14 29.71
C GLY D 111 28.77 -5.48 29.27
N PHE D 112 27.45 -5.62 29.44
CA PHE D 112 26.77 -6.90 29.25
C PHE D 112 25.44 -6.71 28.48
N ALA D 113 25.10 -5.45 28.21
CA ALA D 113 23.84 -5.18 27.53
C ALA D 113 23.89 -5.78 26.11
N ARG D 114 25.04 -5.70 25.48
CA ARG D 114 25.13 -6.14 24.10
C ARG D 114 24.99 -7.67 23.99
N ASN D 115 25.01 -8.36 25.15
CA ASN D 115 25.02 -9.80 25.18
C ASN D 115 23.68 -10.39 25.57
N LEU D 116 22.72 -9.57 25.95
CA LEU D 116 21.52 -10.06 26.55
C LEU D 116 20.26 -9.82 25.69
N PRO D 117 19.24 -10.66 25.88
CA PRO D 117 18.04 -10.39 25.03
C PRO D 117 17.22 -9.20 25.55
N TRP D 118 16.88 -8.22 24.69
CA TRP D 118 15.87 -7.22 25.11
C TRP D 118 14.44 -7.56 24.73
N ALA D 119 13.45 -6.91 25.30
CA ALA D 119 12.11 -7.06 24.89
C ALA D 119 11.72 -5.93 23.86
N LEU D 120 11.00 -6.25 22.78
CA LEU D 120 10.48 -5.21 21.95
C LEU D 120 9.30 -4.71 22.72
N LYS D 121 9.39 -3.49 23.21
CA LYS D 121 8.40 -3.04 24.16
C LYS D 121 7.35 -2.11 23.52
N ALA D 122 7.72 -1.41 22.45
CA ALA D 122 6.77 -0.58 21.76
C ALA D 122 7.28 -0.27 20.38
N HIS D 123 6.39 0.20 19.51
CA HIS D 123 6.71 0.53 18.11
C HIS D 123 5.57 1.37 17.55
N ASN D 124 5.90 2.10 16.50
CA ASN D 124 4.94 2.84 15.82
C ASN D 124 5.50 3.12 14.45
N GLU D 125 4.63 3.47 13.49
CA GLU D 125 5.07 3.79 12.14
C GLU D 125 4.19 4.88 11.51
N ASP D 126 4.73 5.56 10.50
CA ASP D 126 3.92 6.47 9.73
C ASP D 126 4.51 6.58 8.33
N ASP D 127 4.24 7.67 7.58
CA ASP D 127 4.74 7.86 6.21
C ASP D 127 6.26 7.97 6.27
N ASN D 128 6.76 8.63 7.34
CA ASN D 128 8.22 8.80 7.47
C ASN D 128 9.11 7.66 7.90
N GLY D 129 8.65 6.79 8.80
CA GLY D 129 9.59 5.85 9.40
C GLY D 129 8.98 5.04 10.49
N VAL D 130 9.83 4.53 11.35
CA VAL D 130 9.35 3.66 12.39
C VAL D 130 10.03 4.04 13.69
N MET D 131 9.28 3.91 14.78
CA MET D 131 9.86 3.93 16.12
C MET D 131 9.87 2.51 16.81
N LEU D 132 11.04 2.06 17.30
CA LEU D 132 11.09 0.90 18.19
C LEU D 132 11.76 1.28 19.61
N THR D 133 11.14 0.80 20.67
CA THR D 133 11.63 0.90 21.97
C THR D 133 11.92 -0.49 22.44
N PHE D 134 13.16 -0.64 22.89
CA PHE D 134 13.56 -1.89 23.53
C PHE D 134 13.82 -1.65 24.95
N GLU D 135 13.58 -2.68 25.76
CA GLU D 135 13.81 -2.59 27.18
C GLU D 135 14.59 -3.82 27.76
N LEU D 136 15.55 -3.54 28.64
CA LEU D 136 16.32 -4.54 29.41
C LEU D 136 16.24 -4.17 30.87
N GLN D 137 15.92 -5.16 31.70
CA GLN D 137 15.88 -5.06 33.16
C GLN D 137 16.89 -5.98 33.86
N SER D 138 17.23 -5.58 35.06
CA SER D 138 18.05 -6.39 35.91
C SER D 138 17.36 -7.73 36.30
N SER D 139 18.08 -8.70 36.79
CA SER D 139 17.49 -9.93 37.27
C SER D 139 18.49 -10.50 38.25
N GLU D 140 18.15 -11.62 38.93
CA GLU D 140 19.09 -12.31 39.83
C GLU D 140 20.31 -12.61 38.96
N ALA D 141 20.10 -12.97 37.71
CA ALA D 141 21.26 -13.31 36.93
C ALA D 141 22.20 -12.12 36.71
N THR D 142 21.65 -10.95 36.43
CA THR D 142 22.58 -9.82 36.10
C THR D 142 23.20 -9.23 37.37
N ARG D 143 22.44 -9.26 38.45
CA ARG D 143 22.92 -8.86 39.76
C ARG D 143 24.14 -9.72 40.14
N LYS D 144 24.28 -10.91 39.53
CA LYS D 144 25.39 -11.75 39.89
C LYS D 144 26.70 -11.07 39.48
N TYR D 145 26.67 -10.19 38.46
CA TYR D 145 27.92 -9.52 38.18
C TYR D 145 27.89 -8.03 38.11
N TRP D 146 26.72 -7.48 38.43
CA TRP D 146 26.61 -6.04 38.64
C TRP D 146 25.45 -5.77 39.58
N PRO D 147 25.70 -5.55 40.88
CA PRO D 147 24.69 -5.52 41.93
C PRO D 147 23.94 -4.19 41.98
N HIS D 148 23.13 -4.02 40.94
CA HIS D 148 22.24 -2.88 40.78
C HIS D 148 20.99 -3.30 39.93
N ASP D 149 19.84 -2.90 40.44
CA ASP D 149 18.57 -2.92 39.74
C ASP D 149 18.58 -1.80 38.71
N PHE D 150 17.89 -1.99 37.60
CA PHE D 150 17.93 -1.00 36.50
C PHE D 150 16.93 -1.42 35.49
N THR D 151 16.49 -0.44 34.73
CA THR D 151 15.66 -0.68 33.60
C THR D 151 16.37 0.14 32.53
N LEU D 152 16.70 -0.43 31.39
CA LEU D 152 17.39 0.31 30.37
C LEU D 152 16.52 0.31 29.11
N LEU D 153 16.32 1.46 28.47
CA LEU D 153 15.51 1.59 27.30
C LEU D 153 16.38 2.05 26.24
N ALA D 154 16.06 1.58 25.05
CA ALA D 154 16.73 2.06 23.82
C ALA D 154 15.61 2.27 22.80
N ARG D 155 15.51 3.51 22.27
CA ARG D 155 14.49 3.90 21.35
C ARG D 155 15.18 4.31 20.06
N PHE D 156 14.66 3.81 18.96
CA PHE D 156 15.15 4.22 17.70
C PHE D 156 14.04 4.84 16.81
N LYS D 157 14.40 5.89 16.10
CA LYS D 157 13.48 6.47 15.17
C LYS D 157 14.19 6.31 13.86
N VAL D 158 13.70 5.44 13.00
CA VAL D 158 14.41 5.30 11.74
C VAL D 158 13.56 5.68 10.57
N GLY D 159 14.18 6.48 9.71
CA GLY D 159 13.52 7.02 8.55
C GLY D 159 14.61 7.66 7.75
N LYS D 160 14.45 8.92 7.34
CA LYS D 160 15.47 9.46 6.47
C LYS D 160 16.71 9.94 7.25
N THR D 161 16.49 10.22 8.53
CA THR D 161 17.57 10.27 9.52
C THR D 161 17.45 9.12 10.52
N CYS D 162 18.42 9.00 11.45
CA CYS D 162 18.40 7.88 12.43
C CYS D 162 18.64 8.39 13.81
N GLU D 163 17.75 8.13 14.74
CA GLU D 163 17.89 8.69 16.07
C GLU D 163 17.92 7.52 17.03
N ILE D 164 18.96 7.45 17.84
CA ILE D 164 19.17 6.44 18.85
C ILE D 164 19.22 7.12 20.22
N GLU D 165 18.40 6.65 21.15
CA GLU D 165 18.45 7.16 22.51
C GLU D 165 18.47 6.03 23.54
N LEU D 166 19.38 6.18 24.52
CA LEU D 166 19.66 5.24 25.60
C LEU D 166 19.24 5.95 26.82
N GLU D 167 18.57 5.20 27.68
CA GLU D 167 18.01 5.82 28.91
C GLU D 167 18.05 4.84 30.08
N ALA D 168 18.75 5.16 31.16
CA ALA D 168 18.99 4.13 32.18
C ALA D 168 18.43 4.60 33.47
N HIS D 169 17.59 3.75 34.07
CA HIS D 169 16.84 3.94 35.31
C HIS D 169 17.35 3.17 36.52
N GLY D 170 17.62 3.91 37.60
CA GLY D 170 18.15 3.35 38.83
C GLY D 170 19.08 4.32 39.49
N GLU D 171 19.87 3.82 40.44
CA GLU D 171 20.74 4.66 41.30
C GLU D 171 22.13 4.18 41.11
N PHE D 172 22.89 4.71 40.15
CA PHE D 172 24.23 4.11 39.96
C PHE D 172 25.06 5.06 39.13
N ALA D 173 26.31 4.68 38.86
CA ALA D 173 27.19 5.28 37.91
C ALA D 173 27.49 4.27 36.79
N THR D 174 27.78 4.80 35.60
CA THR D 174 28.00 3.93 34.49
C THR D 174 29.02 4.62 33.59
N THR D 175 29.63 3.83 32.72
CA THR D 175 30.26 4.48 31.57
C THR D 175 29.61 3.77 30.38
N SER D 176 29.55 4.38 29.21
CA SER D 176 28.77 3.77 28.13
C SER D 176 29.11 4.29 26.78
N ALA D 177 28.77 3.51 25.75
CA ALA D 177 28.88 4.06 24.39
C ALA D 177 27.79 3.59 23.41
N LEU D 178 27.56 4.35 22.34
CA LEU D 178 26.81 3.83 21.17
C LEU D 178 27.92 3.76 20.19
N HIS D 179 28.30 2.56 19.83
CA HIS D 179 29.60 2.26 19.26
C HIS D 179 29.47 2.13 17.74
N SER D 180 28.86 3.12 17.11
CA SER D 180 28.45 3.00 15.70
C SER D 180 29.54 2.64 14.71
N TYR D 181 29.27 1.61 13.89
CA TYR D 181 30.16 1.26 12.77
C TYR D 181 29.54 1.86 11.48
N PHE D 182 30.18 2.82 10.85
CA PHE D 182 29.67 3.41 9.60
C PHE D 182 30.33 2.86 8.38
N ASN D 183 29.54 2.28 7.48
CA ASN D 183 29.93 1.93 6.11
C ASN D 183 30.68 2.98 5.37
N VAL D 184 31.89 2.67 4.92
CA VAL D 184 32.59 3.64 4.03
C VAL D 184 33.25 2.94 2.85
N GLY D 185 33.47 3.67 1.76
CA GLY D 185 33.96 3.09 0.49
C GLY D 185 35.38 2.60 0.61
N ASP D 186 36.21 3.32 1.36
CA ASP D 186 37.61 2.95 1.53
C ASP D 186 38.26 3.82 2.61
N ILE D 187 38.65 3.14 3.69
CA ILE D 187 39.20 3.83 4.85
C ILE D 187 40.31 4.82 4.47
N ALA D 188 41.06 4.56 3.41
CA ALA D 188 42.11 5.51 3.03
C ALA D 188 41.60 6.81 2.54
N ASN D 189 40.41 6.86 1.92
CA ASN D 189 39.81 8.10 1.40
C ASN D 189 38.89 8.76 2.38
N VAL D 190 39.13 8.46 3.64
CA VAL D 190 38.22 8.89 4.69
C VAL D 190 38.82 9.87 5.73
N LYS D 191 38.12 10.94 6.08
CA LYS D 191 38.56 11.67 7.23
C LYS D 191 37.37 12.04 8.03
N VAL D 192 37.58 12.13 9.34
CA VAL D 192 36.54 12.62 10.26
C VAL D 192 36.84 14.00 10.84
N SER D 193 35.90 14.89 10.73
CA SER D 193 36.22 16.19 11.23
C SER D 193 35.31 16.56 12.42
N GLY D 194 35.62 17.68 13.10
CA GLY D 194 34.77 18.19 14.15
C GLY D 194 35.13 17.49 15.44
N LEU D 195 36.32 16.91 15.49
CA LEU D 195 36.73 16.15 16.67
C LEU D 195 37.48 16.94 17.75
N GLY D 196 37.65 18.25 17.54
CA GLY D 196 38.18 19.17 18.56
C GLY D 196 39.67 19.08 18.68
N ASP D 197 40.22 19.02 19.90
CA ASP D 197 41.65 19.11 19.95
C ASP D 197 42.35 17.99 20.70
N ARG D 198 42.18 17.92 22.02
CA ARG D 198 42.82 16.87 22.83
C ARG D 198 42.13 15.54 22.65
N PHE D 199 42.93 14.48 22.73
CA PHE D 199 42.45 13.12 22.88
C PHE D 199 43.46 12.17 23.51
N ILE D 200 42.92 11.06 23.98
CA ILE D 200 43.75 10.01 24.45
C ILE D 200 43.89 8.89 23.41
N ASP D 201 45.14 8.65 23.02
CA ASP D 201 45.50 7.56 22.10
C ASP D 201 45.66 6.22 22.85
N LYS D 202 44.61 5.44 22.85
CA LYS D 202 44.64 4.19 23.49
C LYS D 202 45.58 3.17 22.78
N VAL D 203 45.97 3.45 21.54
CA VAL D 203 46.88 2.54 20.89
C VAL D 203 48.32 2.83 21.37
N ASN D 204 48.64 4.06 21.68
CA ASN D 204 49.98 4.44 22.01
C ASN D 204 50.02 4.87 23.49
N ASP D 205 49.85 3.87 24.37
CA ASP D 205 50.02 4.00 25.84
C ASP D 205 49.16 5.08 26.47
N ALA D 206 48.00 5.40 25.92
CA ALA D 206 47.09 6.38 26.56
C ALA D 206 47.70 7.80 26.60
N LYS D 207 48.66 8.03 25.70
CA LYS D 207 49.29 9.33 25.51
C LYS D 207 48.29 10.37 25.03
N GLU D 208 48.49 11.60 25.49
CA GLU D 208 47.62 12.66 25.12
C GLU D 208 48.15 13.35 23.86
N GLY D 209 47.28 13.51 22.83
CA GLY D 209 47.65 14.18 21.58
C GLY D 209 46.77 15.40 21.41
N VAL D 210 47.03 16.18 20.38
CA VAL D 210 46.31 17.47 20.19
C VAL D 210 46.16 17.71 18.74
N LEU D 211 44.93 17.62 18.21
CA LEU D 211 44.68 17.92 16.83
C LEU D 211 44.68 19.38 16.68
N THR D 212 45.20 19.83 15.58
CA THR D 212 45.13 21.26 15.38
C THR D 212 43.94 21.75 14.54
N ASP D 213 43.19 20.84 13.89
CA ASP D 213 42.06 21.24 13.09
C ASP D 213 40.88 20.31 13.22
N GLY D 214 40.90 19.41 14.17
CA GLY D 214 39.67 18.67 14.36
C GLY D 214 39.50 17.49 13.45
N ILE D 215 40.57 17.08 12.76
CA ILE D 215 40.39 16.06 11.72
C ILE D 215 41.23 14.78 11.90
N GLN D 216 40.58 13.57 11.92
CA GLN D 216 41.36 12.28 12.03
C GLN D 216 41.37 11.56 10.74
N THR D 217 42.51 11.00 10.38
CA THR D 217 42.47 10.06 9.33
C THR D 217 42.75 8.67 9.94
N PHE D 218 42.60 7.60 9.14
CA PHE D 218 42.59 6.29 9.69
C PHE D 218 43.54 5.39 8.87
N PRO D 219 44.84 5.70 8.93
CA PRO D 219 45.78 5.06 7.94
C PRO D 219 46.21 3.65 8.38
N ASP D 220 46.16 3.43 9.70
CA ASP D 220 46.21 2.13 10.31
C ASP D 220 45.40 2.21 11.64
N ARG D 221 45.46 1.13 12.40
CA ARG D 221 44.81 1.02 13.65
C ARG D 221 44.80 2.32 14.40
N THR D 222 43.61 2.77 14.81
CA THR D 222 43.43 4.08 15.43
C THR D 222 42.41 3.88 16.48
N ASP D 223 42.67 4.35 17.69
CA ASP D 223 41.73 4.13 18.80
C ASP D 223 41.81 5.36 19.75
N ARG D 224 40.89 6.31 19.61
CA ARG D 224 40.98 7.64 20.23
C ARG D 224 39.76 8.19 20.88
N VAL D 225 39.97 8.68 22.10
CA VAL D 225 38.94 9.39 22.90
C VAL D 225 39.19 10.87 22.91
N TYR D 226 38.34 11.62 22.22
CA TYR D 226 38.48 13.07 22.12
C TYR D 226 37.83 13.73 23.29
N LEU D 227 38.47 14.74 23.89
CA LEU D 227 37.92 15.35 25.08
C LEU D 227 37.12 16.60 24.88
N ASN D 228 37.37 17.31 23.76
CA ASN D 228 36.57 18.47 23.38
C ASN D 228 36.02 18.32 21.97
N PRO D 229 35.24 17.29 21.75
CA PRO D 229 34.62 17.12 20.40
C PRO D 229 33.51 18.14 20.23
N GLU D 230 33.36 18.72 19.03
CA GLU D 230 32.12 19.39 18.62
C GLU D 230 30.89 18.48 18.76
N ALA D 231 29.72 19.07 18.95
CA ALA D 231 28.49 18.28 19.04
C ALA D 231 28.30 17.38 17.85
N CYS D 232 28.89 17.73 16.71
CA CYS D 232 28.59 17.05 15.47
C CYS D 232 29.86 16.58 14.88
N SER D 233 29.99 15.30 14.55
CA SER D 233 31.21 14.84 13.89
C SER D 233 30.75 14.66 12.46
N VAL D 234 31.66 14.85 11.52
CA VAL D 234 31.39 14.67 10.13
C VAL D 234 32.32 13.64 9.50
N ILE D 235 31.73 12.60 8.92
CA ILE D 235 32.59 11.67 8.24
C ILE D 235 32.63 12.02 6.76
N HIS D 236 33.78 12.25 6.18
CA HIS D 236 33.82 12.70 4.80
C HIS D 236 34.31 11.52 4.00
N ASP D 237 33.52 10.98 3.06
CA ASP D 237 33.90 9.80 2.30
C ASP D 237 34.02 10.08 0.77
N ALA D 238 35.25 10.38 0.35
CA ALA D 238 35.58 10.62 -1.03
C ALA D 238 35.26 9.50 -1.97
N THR D 239 35.14 8.25 -1.55
CA THR D 239 34.98 7.12 -2.48
C THR D 239 33.48 6.96 -2.85
N LEU D 240 32.60 6.89 -1.86
CA LEU D 240 31.15 6.89 -2.07
C LEU D 240 30.57 8.29 -2.28
N ASN D 241 31.42 9.32 -2.17
CA ASN D 241 31.04 10.71 -2.47
C ASN D 241 29.83 11.17 -1.66
N ARG D 242 30.04 11.00 -0.36
CA ARG D 242 29.03 11.32 0.66
C ARG D 242 29.64 11.72 2.00
N THR D 243 28.76 12.20 2.86
CA THR D 243 29.02 12.76 4.13
C THR D 243 28.03 12.12 5.13
N ILE D 244 28.52 11.77 6.31
CA ILE D 244 27.66 11.34 7.36
C ILE D 244 27.89 12.31 8.55
N ASP D 245 26.79 12.86 9.05
CA ASP D 245 26.81 13.69 10.25
C ASP D 245 26.39 12.80 11.45
N VAL D 246 27.19 12.84 12.51
CA VAL D 246 26.92 12.04 13.67
C VAL D 246 26.75 13.09 14.75
N VAL D 247 25.51 13.39 15.11
CA VAL D 247 25.34 14.35 16.18
C VAL D 247 25.22 13.62 17.50
N HIS D 248 25.96 14.10 18.47
CA HIS D 248 26.02 13.45 19.80
C HIS D 248 25.24 14.24 20.89
N HIS D 249 24.58 13.54 21.83
CA HIS D 249 23.83 14.16 22.91
C HIS D 249 24.03 13.38 24.26
N HIS D 250 24.06 14.15 25.36
CA HIS D 250 24.22 13.63 26.70
C HIS D 250 25.62 12.99 26.96
N HIS D 251 26.57 13.19 26.00
CA HIS D 251 27.84 12.50 26.01
C HIS D 251 28.92 13.26 26.73
N LEU D 252 30.05 12.62 26.95
CA LEU D 252 31.19 13.42 27.35
C LEU D 252 32.37 13.33 26.36
N ASN D 253 32.46 12.21 25.67
CA ASN D 253 33.53 12.03 24.72
C ASN D 253 32.93 11.53 23.38
N VAL D 254 33.77 11.51 22.35
CA VAL D 254 33.55 10.76 21.15
C VAL D 254 34.81 9.85 20.99
N VAL D 255 34.66 8.70 20.35
CA VAL D 255 35.77 7.85 20.05
C VAL D 255 35.74 7.57 18.54
N GLY D 256 36.89 7.75 17.88
CA GLY D 256 37.08 7.28 16.51
C GLY D 256 37.82 5.94 16.57
N TRP D 257 37.31 4.96 15.83
CA TRP D 257 38.10 3.71 15.91
C TRP D 257 38.11 3.01 14.59
N ASN D 258 39.26 2.45 14.24
CA ASN D 258 39.42 1.51 13.12
C ASN D 258 40.50 0.50 13.48
N PRO D 259 40.18 -0.79 13.39
CA PRO D 259 41.17 -1.76 13.89
C PRO D 259 42.47 -1.78 13.12
N GLY D 260 42.49 -1.34 11.86
CA GLY D 260 43.69 -1.60 11.01
C GLY D 260 43.63 -3.04 10.50
N PRO D 261 44.42 -3.36 9.47
CA PRO D 261 44.57 -4.69 8.84
C PRO D 261 44.97 -5.88 9.77
N ALA D 262 46.04 -5.75 10.60
CA ALA D 262 46.47 -6.90 11.43
C ALA D 262 45.34 -7.32 12.35
N LEU D 263 44.65 -6.39 12.96
CA LEU D 263 43.61 -6.76 13.86
C LEU D 263 42.32 -7.21 13.12
N SER D 264 42.08 -6.64 11.93
CA SER D 264 40.99 -7.07 11.10
C SER D 264 41.16 -8.58 10.88
N VAL D 265 42.36 -9.07 10.62
CA VAL D 265 42.47 -10.50 10.43
C VAL D 265 42.43 -11.29 11.72
N SER D 266 42.95 -10.74 12.81
CA SER D 266 43.14 -11.53 14.01
C SER D 266 41.72 -11.74 14.67
N MET D 267 40.81 -10.76 14.44
CA MET D 267 39.48 -10.82 14.96
C MET D 267 38.72 -11.79 14.06
N GLY D 268 38.19 -12.78 14.75
CA GLY D 268 37.51 -13.90 14.13
C GLY D 268 36.12 -13.51 13.68
N ASP D 269 35.64 -12.33 14.08
CA ASP D 269 34.27 -11.93 13.77
C ASP D 269 34.29 -10.84 12.71
N MET D 270 35.46 -10.70 12.06
CA MET D 270 35.71 -9.67 11.04
C MET D 270 36.55 -10.26 9.88
N PRO D 271 36.16 -9.96 8.65
CA PRO D 271 36.95 -10.50 7.53
C PRO D 271 38.28 -9.80 7.56
N ASP D 272 39.27 -10.50 7.02
CA ASP D 272 40.60 -9.96 6.81
C ASP D 272 40.46 -8.53 6.31
N ASP D 273 39.57 -8.28 5.36
CA ASP D 273 39.44 -6.97 4.82
C ASP D 273 38.47 -6.01 5.44
N GLY D 274 37.72 -6.43 6.46
CA GLY D 274 36.62 -5.64 6.94
C GLY D 274 36.97 -4.21 7.23
N TYR D 275 38.15 -3.99 7.78
CA TYR D 275 38.58 -2.68 8.26
C TYR D 275 38.63 -1.64 7.16
N LYS D 276 38.63 -2.05 5.89
CA LYS D 276 38.71 -1.14 4.77
C LYS D 276 37.37 -0.42 4.54
N THR D 277 36.29 -1.01 4.99
CA THR D 277 35.02 -0.38 4.72
C THR D 277 34.21 0.23 5.91
N PHE D 278 34.86 0.45 7.06
CA PHE D 278 34.16 1.13 8.11
C PHE D 278 35.06 1.99 8.92
N VAL D 279 34.47 2.99 9.59
CA VAL D 279 35.09 3.72 10.65
C VAL D 279 34.05 3.74 11.75
N CYS D 280 34.46 3.50 12.99
CA CYS D 280 33.49 3.69 14.07
C CYS D 280 33.64 5.19 14.52
N VAL D 281 32.51 5.87 14.65
CA VAL D 281 32.48 7.15 15.27
C VAL D 281 31.45 7.01 16.41
N GLU D 282 31.94 7.03 17.63
CA GLU D 282 31.13 6.56 18.78
C GLU D 282 30.72 7.69 19.71
N THR D 283 29.49 7.65 20.18
CA THR D 283 29.04 8.57 21.16
C THR D 283 29.25 7.94 22.52
N VAL D 284 30.00 8.58 23.39
CA VAL D 284 30.59 7.91 24.49
C VAL D 284 30.54 8.76 25.78
N TYR D 285 30.42 8.04 26.91
CA TYR D 285 30.57 8.68 28.24
C TYR D 285 31.58 7.85 29.09
N ALA D 286 32.86 8.20 29.04
CA ALA D 286 33.93 7.28 29.57
C ALA D 286 34.94 7.87 30.55
N THR D 287 35.25 9.13 30.28
CA THR D 287 36.31 9.91 30.92
C THR D 287 35.97 10.22 32.39
N ALA D 288 34.67 10.38 32.71
CA ALA D 288 34.18 10.36 34.08
C ALA D 288 32.87 9.53 34.16
N PRO D 289 32.52 8.96 35.31
CA PRO D 289 31.30 8.17 35.37
C PRO D 289 30.06 9.04 35.29
N GLN D 290 28.94 8.50 34.82
CA GLN D 290 27.72 9.22 34.57
C GLN D 290 26.80 8.76 35.65
N GLN D 291 26.10 9.67 36.32
CA GLN D 291 25.18 9.30 37.37
C GLN D 291 23.76 9.14 36.82
N ALA D 292 23.09 8.06 37.23
CA ALA D 292 21.67 8.01 37.17
C ALA D 292 21.06 8.14 38.55
N THR D 293 19.90 8.77 38.65
CA THR D 293 19.11 8.63 39.89
C THR D 293 17.71 8.30 39.48
N GLU D 294 16.81 8.15 40.45
CA GLU D 294 15.42 7.77 40.17
C GLU D 294 14.68 8.91 39.42
N GLU D 295 14.97 10.14 39.80
CA GLU D 295 14.31 11.27 39.14
C GLU D 295 15.01 11.59 37.84
N LYS D 296 16.33 11.38 37.77
CA LYS D 296 17.12 11.75 36.58
C LYS D 296 17.94 10.56 36.01
N PRO D 297 17.32 9.78 35.15
CA PRO D 297 18.02 8.71 34.47
C PRO D 297 19.14 9.25 33.63
N SER D 298 20.19 8.47 33.44
CA SER D 298 21.34 8.83 32.65
C SER D 298 21.08 8.43 31.22
N ARG D 299 21.59 9.25 30.28
CA ARG D 299 21.14 9.19 28.88
C ARG D 299 22.31 9.37 27.93
N LEU D 300 22.27 8.69 26.78
CA LEU D 300 23.23 8.87 25.75
C LEU D 300 22.46 8.84 24.40
N ALA D 301 22.77 9.71 23.45
CA ALA D 301 21.96 9.68 22.21
C ALA D 301 22.79 10.03 21.04
N GLN D 302 22.39 9.55 19.85
CA GLN D 302 23.13 9.80 18.65
C GLN D 302 22.15 9.97 17.47
N THR D 303 22.44 10.89 16.60
CA THR D 303 21.51 11.22 15.48
C THR D 303 22.39 11.15 14.22
N ILE D 304 21.89 10.53 13.17
CA ILE D 304 22.70 10.27 11.98
C ILE D 304 22.01 10.78 10.72
N CYS D 305 22.73 11.49 9.86
CA CYS D 305 22.18 12.00 8.56
C CYS D 305 23.25 11.75 7.55
N VAL D 306 22.83 11.35 6.36
CA VAL D 306 23.67 11.20 5.20
C VAL D 306 23.20 12.18 4.17
N ALA D 307 24.15 12.58 3.30
CA ALA D 307 23.95 13.46 2.12
C ALA D 307 25.04 13.17 1.10
N LYS D 308 24.66 12.99 -0.17
CA LYS D 308 25.68 12.78 -1.23
C LYS D 308 26.45 14.10 -1.56
N ARG D 309 27.34 14.04 -2.57
CA ARG D 309 28.09 15.25 -3.09
C ARG D 309 28.76 16.09 -1.97
#